data_4HUV
#
_entry.id   4HUV
#
_cell.length_a   86.280
_cell.length_b   153.620
_cell.length_c   80.500
_cell.angle_alpha   90.00
_cell.angle_beta   90.00
_cell.angle_gamma   90.00
#
_symmetry.space_group_name_H-M   'P 21 21 2'
#
loop_
_entity.id
_entity.type
_entity.pdbx_description
1 polymer 'H-2 class I histocompatibility antigen, D-B alpha chain'
2 polymer Beta-2-microglobulin
3 polymer 'NPM6W variant peptide'
4 non-polymer 'SULFATE ION'
5 water water
#
loop_
_entity_poly.entity_id
_entity_poly.type
_entity_poly.pdbx_seq_one_letter_code
_entity_poly.pdbx_strand_id
1 'polypeptide(L)'
;MGPHSMRYFETAVSRPGLEEPRYISVGYVDNKEFVRFDSDAENPRYEPRAPWMEQEGPEYWERETQKAKGQEQWFRVSLR
NLLGYYNQSAGGSHTLQQMSGCDLGSDWRLLRGYLQFAYEGRDYIALNEDLKTWTAADMAAQITRRKWEQSGAAEHYKAY
LEGECVEWLHRYLKNGNATLLRTDSPKAHVTHHPRSKGEVTLRCWALGFYPADITLTWQLNGEELTQDMELVETRPAGDG
TFQKWASVVVPLGKEQNYTCRVYHEGLPEPLTLRWEPPPST
;
A,D
2 'polypeptide(L)'
;IQKTPQIQVYSRHPPENGKPNILNCYVTQFHPPHIEIQMLKNGKKIPKVEMSDMSFSKDWSFYILAHTEFTPTETDTYAC
RVKHASMAEPKTVYWDRDM
;
B,E
3 'polypeptide(L)' ASNENWETM C,F
#
# COMPACT_ATOMS: atom_id res chain seq x y z
N GLY A 2 34.20 -0.07 -8.57
CA GLY A 2 32.89 -0.66 -8.83
C GLY A 2 31.94 0.27 -9.58
N PRO A 3 30.59 0.06 -9.50
CA PRO A 3 29.66 0.97 -10.21
C PRO A 3 29.62 2.36 -9.59
N HIS A 4 29.32 3.35 -10.42
CA HIS A 4 29.24 4.74 -10.03
C HIS A 4 27.92 5.36 -10.46
N SER A 5 27.53 6.42 -9.79
CA SER A 5 26.26 7.11 -10.04
C SER A 5 26.28 8.58 -9.64
N MET A 6 25.45 9.35 -10.34
CA MET A 6 25.14 10.71 -10.01
C MET A 6 23.64 10.80 -10.02
N ARG A 7 23.10 11.49 -9.04
CA ARG A 7 21.67 11.64 -8.88
C ARG A 7 21.35 13.01 -8.28
N TYR A 8 20.24 13.64 -8.74
CA TYR A 8 19.68 14.87 -8.18
C TYR A 8 18.28 14.55 -7.77
N PHE A 9 17.97 14.78 -6.48
CA PHE A 9 16.68 14.51 -5.85
C PHE A 9 16.02 15.85 -5.55
N GLU A 10 14.95 16.19 -6.29
CA GLU A 10 14.27 17.47 -6.18
C GLU A 10 12.90 17.32 -5.54
N THR A 11 12.52 18.29 -4.71
CA THR A 11 11.25 18.31 -3.98
C THR A 11 10.75 19.74 -3.97
N ALA A 12 9.46 19.90 -4.30
CA ALA A 12 8.72 21.13 -4.23
C ALA A 12 7.50 20.82 -3.37
N VAL A 13 7.34 21.56 -2.28
CA VAL A 13 6.23 21.38 -1.36
C VAL A 13 5.43 22.68 -1.39
N SER A 14 4.17 22.60 -1.83
CA SER A 14 3.31 23.80 -1.87
C SER A 14 2.95 24.19 -0.43
N ARG A 15 2.78 25.50 -0.21
CA ARG A 15 2.48 26.00 1.13
C ARG A 15 1.10 26.58 1.23
N PRO A 16 0.24 25.89 2.03
CA PRO A 16 -1.17 26.30 2.16
C PRO A 16 -1.42 27.79 2.33
N GLY A 17 -0.72 28.43 3.28
CA GLY A 17 -0.86 29.84 3.62
C GLY A 17 -0.60 30.87 2.54
N LEU A 18 -1.10 30.60 1.29
CA LEU A 18 -0.97 31.41 0.05
C LEU A 18 0.48 31.52 -0.50
N GLU A 19 1.54 31.42 0.39
CA GLU A 19 2.98 31.51 0.08
C GLU A 19 3.43 30.54 -1.00
N GLU A 20 4.61 30.85 -1.57
CA GLU A 20 5.27 30.08 -2.64
C GLU A 20 5.80 28.73 -2.12
N PRO A 21 5.95 27.69 -3.00
CA PRO A 21 6.45 26.40 -2.52
C PRO A 21 7.89 26.47 -2.03
N ARG A 22 8.26 25.51 -1.20
CA ARG A 22 9.62 25.33 -0.75
C ARG A 22 10.24 24.35 -1.74
N TYR A 23 11.38 24.72 -2.31
CA TYR A 23 12.07 23.88 -3.28
C TYR A 23 13.43 23.47 -2.72
N ILE A 24 13.72 22.15 -2.77
CA ILE A 24 14.99 21.57 -2.30
C ILE A 24 15.61 20.69 -3.40
N SER A 25 16.89 20.87 -3.70
CA SER A 25 17.57 19.99 -4.62
C SER A 25 18.81 19.46 -3.94
N VAL A 26 18.91 18.12 -3.86
CA VAL A 26 20.03 17.42 -3.24
C VAL A 26 20.73 16.61 -4.33
N GLY A 27 22.02 16.86 -4.52
CA GLY A 27 22.83 16.09 -5.44
C GLY A 27 23.62 15.04 -4.69
N TYR A 28 23.75 13.87 -5.31
CA TYR A 28 24.51 12.71 -4.79
C TYR A 28 25.47 12.22 -5.86
N VAL A 29 26.68 11.81 -5.45
CA VAL A 29 27.74 11.19 -6.25
C VAL A 29 28.06 9.96 -5.42
N ASP A 30 27.71 8.78 -5.96
CA ASP A 30 27.87 7.47 -5.31
C ASP A 30 27.12 7.40 -3.96
N ASN A 31 25.84 7.82 -3.98
CA ASN A 31 24.90 7.80 -2.85
C ASN A 31 25.32 8.67 -1.65
N LYS A 32 26.27 9.57 -1.88
CA LYS A 32 26.73 10.48 -0.85
C LYS A 32 26.42 11.91 -1.29
N GLU A 33 25.80 12.69 -0.40
CA GLU A 33 25.44 14.05 -0.68
C GLU A 33 26.68 14.91 -0.98
N PHE A 34 26.66 15.69 -2.09
CA PHE A 34 27.78 16.53 -2.48
C PHE A 34 27.43 18.01 -2.68
N VAL A 35 26.16 18.31 -2.98
CA VAL A 35 25.61 19.67 -3.18
C VAL A 35 24.19 19.70 -2.63
N ARG A 36 23.70 20.91 -2.27
CA ARG A 36 22.35 21.12 -1.78
C ARG A 36 21.88 22.55 -2.02
N PHE A 37 20.64 22.69 -2.50
CA PHE A 37 19.94 23.97 -2.67
C PHE A 37 18.67 23.92 -1.83
N ASP A 38 18.33 25.00 -1.16
CA ASP A 38 17.11 25.11 -0.35
C ASP A 38 16.61 26.54 -0.43
N SER A 39 15.39 26.71 -0.98
CA SER A 39 14.70 28.01 -1.16
C SER A 39 14.38 28.73 0.19
N ASP A 40 14.39 27.96 1.31
CA ASP A 40 14.14 28.43 2.67
C ASP A 40 15.38 28.97 3.38
N ALA A 41 16.57 28.89 2.73
CA ALA A 41 17.85 29.38 3.27
C ALA A 41 17.83 30.90 3.32
N GLU A 42 18.69 31.50 4.18
CA GLU A 42 18.81 32.98 4.34
C GLU A 42 19.09 33.57 2.93
N ASN A 43 20.18 33.07 2.29
CA ASN A 43 20.52 33.37 0.90
C ASN A 43 20.44 32.03 0.14
N PRO A 44 19.34 31.79 -0.62
CA PRO A 44 19.20 30.51 -1.31
C PRO A 44 20.16 30.41 -2.50
N ARG A 45 21.09 29.47 -2.40
CA ARG A 45 22.08 29.18 -3.44
C ARG A 45 22.56 27.74 -3.27
N TYR A 46 23.18 27.14 -4.31
CA TYR A 46 23.73 25.77 -4.22
C TYR A 46 24.97 25.85 -3.36
N GLU A 47 25.11 24.90 -2.44
CA GLU A 47 26.21 24.86 -1.48
C GLU A 47 26.98 23.53 -1.49
N PRO A 48 28.34 23.54 -1.37
CA PRO A 48 29.07 22.25 -1.33
C PRO A 48 28.76 21.51 -0.03
N ARG A 49 28.56 20.19 -0.13
CA ARG A 49 28.20 19.33 0.99
C ARG A 49 29.19 18.16 1.20
N ALA A 50 30.30 18.20 0.42
CA ALA A 50 31.46 17.31 0.45
C ALA A 50 32.70 18.21 0.35
N PRO A 51 33.82 17.86 1.05
CA PRO A 51 35.02 18.72 1.03
C PRO A 51 35.64 19.00 -0.34
N TRP A 52 35.69 17.96 -1.18
CA TRP A 52 36.23 18.01 -2.55
C TRP A 52 35.46 18.93 -3.50
N MET A 53 34.27 19.40 -3.11
CA MET A 53 33.45 20.29 -3.93
C MET A 53 33.83 21.78 -3.79
N GLU A 54 34.57 22.12 -2.70
CA GLU A 54 35.04 23.48 -2.40
C GLU A 54 35.99 24.06 -3.48
N GLN A 55 36.60 23.17 -4.30
CA GLN A 55 37.50 23.55 -5.38
C GLN A 55 36.78 24.14 -6.62
N GLU A 56 35.44 24.00 -6.69
CA GLU A 56 34.66 24.56 -7.80
C GLU A 56 34.53 26.06 -7.56
N GLY A 57 34.88 26.84 -8.59
CA GLY A 57 34.89 28.29 -8.59
C GLY A 57 33.55 28.98 -8.48
N PRO A 58 33.55 30.33 -8.25
CA PRO A 58 32.29 31.08 -8.10
C PRO A 58 31.32 30.94 -9.26
N GLU A 59 31.85 30.81 -10.50
CA GLU A 59 31.08 30.67 -11.74
C GLU A 59 30.20 29.40 -11.72
N TYR A 60 30.72 28.33 -11.08
CA TYR A 60 30.03 27.04 -10.90
C TYR A 60 28.77 27.20 -10.03
N TRP A 61 28.92 27.74 -8.81
CA TRP A 61 27.83 27.94 -7.85
C TRP A 61 26.78 28.92 -8.38
N GLU A 62 27.22 29.94 -9.15
CA GLU A 62 26.39 30.96 -9.78
C GLU A 62 25.44 30.30 -10.82
N ARG A 63 26.00 29.52 -11.76
CA ARG A 63 25.33 28.75 -12.79
C ARG A 63 24.36 27.73 -12.22
N GLU A 64 24.75 27.03 -11.15
CA GLU A 64 23.90 26.03 -10.50
C GLU A 64 22.73 26.68 -9.81
N THR A 65 22.94 27.86 -9.19
CA THR A 65 21.87 28.61 -8.51
C THR A 65 20.86 29.10 -9.55
N GLN A 66 21.34 29.52 -10.73
CA GLN A 66 20.52 29.99 -11.85
C GLN A 66 19.58 28.90 -12.34
N LYS A 67 20.11 27.68 -12.46
CA LYS A 67 19.38 26.49 -12.85
C LYS A 67 18.30 26.18 -11.80
N ALA A 68 18.68 26.17 -10.50
CA ALA A 68 17.77 25.94 -9.36
C ALA A 68 16.62 26.90 -9.33
N LYS A 69 16.84 28.18 -9.72
CA LYS A 69 15.82 29.23 -9.77
C LYS A 69 14.76 28.97 -10.82
N GLY A 70 15.20 28.46 -11.99
CA GLY A 70 14.35 28.06 -13.10
C GLY A 70 13.52 26.86 -12.74
N GLN A 71 14.12 25.92 -11.98
CA GLN A 71 13.48 24.71 -11.44
C GLN A 71 12.42 25.09 -10.46
N GLU A 72 12.67 26.09 -9.61
CA GLU A 72 11.68 26.59 -8.65
C GLU A 72 10.40 27.01 -9.40
N GLN A 73 10.56 27.74 -10.51
CA GLN A 73 9.46 28.19 -11.36
C GLN A 73 8.76 27.06 -12.09
N TRP A 74 9.50 26.09 -12.62
CA TRP A 74 8.97 24.90 -13.30
C TRP A 74 8.06 24.11 -12.33
N PHE A 75 8.52 23.87 -11.10
CA PHE A 75 7.74 23.16 -10.08
C PHE A 75 6.50 23.94 -9.64
N ARG A 76 6.56 25.29 -9.59
CA ARG A 76 5.41 26.17 -9.29
C ARG A 76 4.32 26.02 -10.37
N VAL A 77 4.69 26.05 -11.66
CA VAL A 77 3.74 25.93 -12.77
C VAL A 77 3.11 24.55 -12.76
N SER A 78 3.95 23.48 -12.73
CA SER A 78 3.58 22.07 -12.68
C SER A 78 2.71 21.73 -11.47
N LEU A 79 3.01 22.31 -10.30
CA LEU A 79 2.23 22.11 -9.06
C LEU A 79 0.76 22.54 -9.30
N ARG A 80 0.58 23.71 -9.96
CA ARG A 80 -0.71 24.32 -10.30
C ARG A 80 -1.47 23.46 -11.33
N ASN A 81 -0.75 22.94 -12.34
CA ASN A 81 -1.34 22.09 -13.35
C ASN A 81 -1.92 20.80 -12.76
N LEU A 82 -1.15 20.09 -11.91
CA LEU A 82 -1.56 18.86 -11.19
C LEU A 82 -2.78 19.05 -10.28
N LEU A 83 -2.90 20.22 -9.71
CA LEU A 83 -4.03 20.59 -8.88
C LEU A 83 -5.31 20.55 -9.72
N GLY A 84 -5.20 20.99 -10.99
CA GLY A 84 -6.31 20.98 -11.93
C GLY A 84 -6.65 19.58 -12.40
N TYR A 85 -5.62 18.74 -12.68
CA TYR A 85 -5.77 17.35 -13.13
C TYR A 85 -6.45 16.47 -12.07
N TYR A 86 -6.08 16.67 -10.80
CA TYR A 86 -6.56 15.89 -9.66
C TYR A 86 -7.70 16.56 -8.88
N ASN A 87 -8.20 17.74 -9.35
CA ASN A 87 -9.31 18.49 -8.75
C ASN A 87 -9.11 18.66 -7.27
N GLN A 88 -7.99 19.34 -6.96
CA GLN A 88 -7.49 19.59 -5.63
C GLN A 88 -7.60 21.07 -5.25
N SER A 89 -7.49 21.35 -3.96
CA SER A 89 -7.53 22.68 -3.36
C SER A 89 -6.09 23.14 -3.07
N ALA A 90 -5.79 24.39 -3.44
CA ALA A 90 -4.51 25.02 -3.13
C ALA A 90 -4.39 25.34 -1.61
N GLY A 91 -5.48 25.13 -0.85
CA GLY A 91 -5.56 25.31 0.59
C GLY A 91 -4.85 24.22 1.37
N GLY A 92 -4.54 23.13 0.70
CA GLY A 92 -3.80 22.00 1.26
C GLY A 92 -2.39 21.94 0.71
N SER A 93 -1.51 21.18 1.38
CA SER A 93 -0.11 21.08 0.92
C SER A 93 0.04 19.90 -0.02
N HIS A 94 0.74 20.12 -1.13
CA HIS A 94 0.96 19.10 -2.15
C HIS A 94 2.45 18.94 -2.43
N THR A 95 2.86 17.71 -2.79
CA THR A 95 4.27 17.37 -2.99
C THR A 95 4.62 16.84 -4.37
N LEU A 96 5.57 17.51 -5.01
CA LEU A 96 6.11 17.09 -6.29
C LEU A 96 7.60 16.75 -6.09
N GLN A 97 7.99 15.51 -6.45
CA GLN A 97 9.36 15.04 -6.33
C GLN A 97 9.90 14.55 -7.67
N GLN A 98 11.20 14.73 -7.88
CA GLN A 98 11.90 14.33 -9.10
C GLN A 98 13.25 13.65 -8.78
N MET A 99 13.58 12.58 -9.50
CA MET A 99 14.85 11.87 -9.38
C MET A 99 15.43 11.74 -10.77
N SER A 100 16.66 12.16 -10.96
CA SER A 100 17.32 12.07 -12.26
C SER A 100 18.83 11.93 -12.07
N GLY A 101 19.46 11.33 -13.05
CA GLY A 101 20.88 11.08 -13.01
C GLY A 101 21.26 9.94 -13.92
N CYS A 102 22.53 9.51 -13.78
CA CYS A 102 23.17 8.47 -14.59
C CYS A 102 23.97 7.47 -13.74
N ASP A 103 24.05 6.23 -14.23
CA ASP A 103 24.85 5.16 -13.67
C ASP A 103 25.98 4.86 -14.64
N LEU A 104 27.17 4.60 -14.09
CA LEU A 104 28.36 4.21 -14.84
C LEU A 104 28.87 2.87 -14.31
N GLY A 105 29.61 2.15 -15.14
CA GLY A 105 30.27 0.92 -14.73
C GLY A 105 31.61 1.23 -14.09
N SER A 106 32.42 0.19 -13.86
CA SER A 106 33.77 0.29 -13.26
C SER A 106 34.75 1.06 -14.18
N ASP A 107 34.52 0.99 -15.53
CA ASP A 107 35.31 1.66 -16.57
C ASP A 107 34.89 3.12 -16.82
N TRP A 108 33.83 3.60 -16.10
CA TRP A 108 33.23 4.95 -16.11
C TRP A 108 32.37 5.21 -17.37
N ARG A 109 31.94 4.13 -18.01
CA ARG A 109 31.13 4.17 -19.21
C ARG A 109 29.66 4.17 -18.77
N LEU A 110 28.77 4.88 -19.52
CA LEU A 110 27.34 4.98 -19.23
C LEU A 110 26.66 3.62 -19.27
N LEU A 111 25.92 3.30 -18.21
CA LEU A 111 25.16 2.08 -18.07
C LEU A 111 23.72 2.41 -18.44
N ARG A 112 23.16 3.45 -17.81
CA ARG A 112 21.80 3.94 -18.08
C ARG A 112 21.52 5.30 -17.47
N GLY A 113 20.57 5.98 -18.07
CA GLY A 113 20.09 7.28 -17.64
C GLY A 113 18.84 7.03 -16.86
N TYR A 114 18.44 8.04 -16.10
CA TYR A 114 17.31 7.90 -15.21
C TYR A 114 16.56 9.25 -15.05
N LEU A 115 15.22 9.20 -15.08
CA LEU A 115 14.34 10.35 -14.92
C LEU A 115 12.97 9.84 -14.50
N GLN A 116 12.57 10.18 -13.27
CA GLN A 116 11.34 9.77 -12.57
C GLN A 116 10.68 10.90 -11.80
N PHE A 117 9.35 10.87 -11.69
CA PHE A 117 8.55 11.85 -10.95
C PHE A 117 7.50 11.16 -10.10
N ALA A 118 7.26 11.72 -8.92
CA ALA A 118 6.20 11.31 -8.02
C ALA A 118 5.33 12.52 -7.71
N TYR A 119 4.07 12.29 -7.40
CA TYR A 119 3.18 13.35 -6.94
C TYR A 119 2.47 12.74 -5.77
N GLU A 120 2.53 13.42 -4.61
CA GLU A 120 1.97 12.97 -3.33
C GLU A 120 2.63 11.67 -2.82
N GLY A 121 3.90 11.45 -3.19
CA GLY A 121 4.69 10.27 -2.81
C GLY A 121 4.35 8.97 -3.53
N ARG A 122 3.58 9.08 -4.60
CA ARG A 122 3.10 7.99 -5.44
C ARG A 122 3.74 8.24 -6.79
N ASP A 123 4.05 7.19 -7.56
CA ASP A 123 4.64 7.34 -8.91
C ASP A 123 3.70 8.15 -9.80
N TYR A 124 4.24 9.06 -10.61
CA TYR A 124 3.47 9.89 -11.55
C TYR A 124 3.82 9.59 -13.03
N ILE A 125 5.08 9.81 -13.40
CA ILE A 125 5.60 9.60 -14.74
C ILE A 125 7.10 9.30 -14.66
N ALA A 126 7.56 8.38 -15.49
CA ALA A 126 8.98 8.04 -15.57
C ALA A 126 9.34 7.95 -17.04
N LEU A 127 10.61 8.28 -17.35
CA LEU A 127 11.18 8.13 -18.67
C LEU A 127 11.67 6.70 -18.72
N ASN A 128 11.40 5.99 -19.83
CA ASN A 128 11.84 4.61 -19.96
C ASN A 128 13.33 4.51 -20.19
N GLU A 129 13.92 3.34 -19.88
CA GLU A 129 15.36 3.10 -20.04
C GLU A 129 15.93 3.56 -21.42
N ASP A 130 15.11 3.47 -22.51
CA ASP A 130 15.47 3.87 -23.87
C ASP A 130 15.72 5.37 -24.00
N LEU A 131 15.20 6.16 -23.02
CA LEU A 131 15.26 7.62 -22.92
C LEU A 131 14.55 8.27 -24.14
N LYS A 132 13.48 7.61 -24.64
CA LYS A 132 12.70 8.06 -25.80
C LYS A 132 11.19 8.04 -25.51
N THR A 133 10.75 7.11 -24.64
CA THR A 133 9.33 6.91 -24.31
C THR A 133 9.02 7.08 -22.83
N TRP A 134 7.76 7.44 -22.52
CA TRP A 134 7.32 7.68 -21.14
C TRP A 134 6.31 6.69 -20.63
N THR A 135 6.39 6.36 -19.34
CA THR A 135 5.38 5.53 -18.67
C THR A 135 4.66 6.39 -17.63
N ALA A 136 3.38 6.70 -17.89
CA ALA A 136 2.47 7.46 -17.04
C ALA A 136 1.87 6.47 -16.05
N ALA A 137 1.67 6.86 -14.78
CA ALA A 137 1.18 5.90 -13.77
C ALA A 137 -0.31 5.81 -13.58
N ASP A 138 -1.05 6.81 -14.07
CA ASP A 138 -2.49 6.85 -13.93
C ASP A 138 -3.05 7.67 -15.06
N MET A 139 -4.38 7.88 -15.05
CA MET A 139 -5.08 8.64 -16.07
C MET A 139 -4.63 10.11 -16.12
N ALA A 140 -4.37 10.75 -14.97
CA ALA A 140 -3.90 12.15 -14.95
C ALA A 140 -2.49 12.28 -15.48
N ALA A 141 -1.62 11.30 -15.21
CA ALA A 141 -0.24 11.32 -15.73
C ALA A 141 -0.14 11.19 -17.24
N GLN A 142 -1.20 10.64 -17.88
CA GLN A 142 -1.32 10.51 -19.35
C GLN A 142 -1.42 11.84 -20.03
N ILE A 143 -2.13 12.78 -19.43
CA ILE A 143 -2.24 14.17 -19.87
C ILE A 143 -0.79 14.72 -20.04
N THR A 144 0.10 14.55 -19.01
CA THR A 144 1.51 14.97 -19.04
C THR A 144 2.29 14.24 -20.14
N ARG A 145 2.15 12.89 -20.23
CA ARG A 145 2.80 12.06 -21.24
C ARG A 145 2.53 12.59 -22.63
N ARG A 146 1.25 12.81 -22.98
CA ARG A 146 0.83 13.33 -24.29
C ARG A 146 1.43 14.73 -24.57
N LYS A 147 1.36 15.62 -23.57
CA LYS A 147 1.92 16.99 -23.58
C LYS A 147 3.43 16.97 -23.84
N TRP A 148 4.14 16.00 -23.23
CA TRP A 148 5.59 15.82 -23.31
C TRP A 148 6.07 15.16 -24.58
N GLU A 149 5.21 14.35 -25.20
CA GLU A 149 5.50 13.70 -26.49
C GLU A 149 5.45 14.78 -27.59
N GLN A 150 4.39 15.60 -27.53
CA GLN A 150 4.10 16.75 -28.39
C GLN A 150 5.19 17.83 -28.30
N SER A 151 5.91 17.95 -27.17
CA SER A 151 6.95 18.97 -27.03
C SER A 151 8.36 18.45 -27.25
N GLY A 152 8.49 17.16 -27.57
CA GLY A 152 9.77 16.48 -27.76
C GLY A 152 10.65 16.55 -26.53
N ALA A 153 10.04 16.40 -25.33
CA ALA A 153 10.67 16.53 -24.02
C ALA A 153 11.75 15.55 -23.71
N ALA A 154 11.56 14.26 -24.06
CA ALA A 154 12.53 13.19 -23.79
C ALA A 154 13.88 13.40 -24.46
N GLU A 155 13.88 14.10 -25.61
CA GLU A 155 15.11 14.39 -26.38
C GLU A 155 16.03 15.30 -25.58
N HIS A 156 15.43 16.22 -24.82
CA HIS A 156 16.14 17.18 -23.99
C HIS A 156 16.82 16.45 -22.82
N TYR A 157 16.08 15.55 -22.18
CA TYR A 157 16.52 14.75 -21.04
C TYR A 157 17.56 13.73 -21.43
N LYS A 158 17.38 13.05 -22.59
CA LYS A 158 18.33 12.07 -23.14
C LYS A 158 19.70 12.70 -23.29
N ALA A 159 19.77 13.90 -23.92
CA ALA A 159 21.01 14.66 -24.15
C ALA A 159 21.79 14.94 -22.86
N TYR A 160 21.11 15.36 -21.80
CA TYR A 160 21.72 15.65 -20.50
C TYR A 160 22.20 14.35 -19.85
N LEU A 161 21.30 13.37 -19.71
CA LEU A 161 21.60 12.08 -19.08
C LEU A 161 22.83 11.34 -19.70
N GLU A 162 23.05 11.44 -21.02
CA GLU A 162 24.15 10.79 -21.73
C GLU A 162 25.34 11.71 -21.99
N GLY A 163 25.08 13.01 -21.96
CA GLY A 163 26.10 14.03 -22.22
C GLY A 163 26.67 14.53 -20.94
N GLU A 164 26.21 15.70 -20.52
CA GLU A 164 26.55 16.42 -19.31
C GLU A 164 26.57 15.59 -18.01
N CYS A 165 25.55 14.74 -17.76
CA CYS A 165 25.49 13.93 -16.54
C CYS A 165 26.75 13.09 -16.41
N VAL A 166 27.17 12.42 -17.51
CA VAL A 166 28.32 11.52 -17.62
C VAL A 166 29.63 12.30 -17.46
N GLU A 167 29.78 13.38 -18.24
CA GLU A 167 30.95 14.26 -18.24
C GLU A 167 31.21 14.88 -16.87
N TRP A 168 30.15 15.32 -16.19
CA TRP A 168 30.28 15.93 -14.86
C TRP A 168 30.59 14.92 -13.79
N LEU A 169 29.99 13.73 -13.84
CA LEU A 169 30.31 12.67 -12.89
C LEU A 169 31.78 12.23 -13.00
N HIS A 170 32.34 12.17 -14.21
CA HIS A 170 33.76 11.86 -14.46
C HIS A 170 34.65 12.83 -13.70
N ARG A 171 34.38 14.13 -13.81
CA ARG A 171 35.14 15.19 -13.10
C ARG A 171 35.05 15.00 -11.57
N TYR A 172 33.83 14.74 -11.05
CA TYR A 172 33.58 14.55 -9.61
C TYR A 172 34.29 13.34 -9.04
N LEU A 173 34.27 12.22 -9.79
CA LEU A 173 34.95 10.97 -9.37
C LEU A 173 36.48 11.17 -9.30
N LYS A 174 36.99 12.08 -10.13
CA LYS A 174 38.40 12.41 -10.21
C LYS A 174 38.79 13.33 -9.04
N ASN A 175 37.98 14.37 -8.81
CA ASN A 175 38.23 15.37 -7.77
C ASN A 175 37.96 14.84 -6.37
N GLY A 176 37.05 13.88 -6.28
CA GLY A 176 36.67 13.25 -5.01
C GLY A 176 37.37 11.93 -4.76
N ASN A 177 38.40 11.62 -5.58
CA ASN A 177 39.28 10.43 -5.63
C ASN A 177 39.50 9.70 -4.30
N ALA A 178 40.11 10.39 -3.33
CA ALA A 178 40.43 9.91 -1.98
C ALA A 178 39.18 9.67 -1.12
N THR A 179 38.33 10.71 -1.01
CA THR A 179 37.07 10.75 -0.24
C THR A 179 36.10 9.65 -0.68
N LEU A 180 36.00 9.41 -2.00
CA LEU A 180 35.08 8.43 -2.57
C LEU A 180 35.52 6.98 -2.47
N LEU A 181 36.82 6.73 -2.59
CA LEU A 181 37.32 5.36 -2.52
C LEU A 181 37.34 4.70 -1.11
N ARG A 182 37.37 5.51 -0.03
CA ARG A 182 37.42 5.01 1.34
C ARG A 182 36.19 4.21 1.83
N THR A 183 36.47 3.16 2.65
CA THR A 183 35.53 2.28 3.35
C THR A 183 35.99 2.16 4.83
N ASP A 184 35.05 2.04 5.76
CA ASP A 184 35.34 1.86 7.16
C ASP A 184 34.80 0.50 7.49
N SER A 185 35.67 -0.33 8.02
CA SER A 185 35.33 -1.70 8.36
C SER A 185 34.52 -1.76 9.65
N PRO A 186 33.53 -2.68 9.74
CA PRO A 186 32.76 -2.77 10.99
C PRO A 186 33.58 -3.33 12.16
N LYS A 187 33.28 -2.85 13.38
CA LYS A 187 33.88 -3.32 14.64
C LYS A 187 32.74 -4.04 15.34
N ALA A 188 32.83 -5.37 15.45
CA ALA A 188 31.79 -6.21 16.03
C ALA A 188 32.06 -6.66 17.46
N HIS A 189 30.99 -7.07 18.18
CA HIS A 189 30.96 -7.56 19.56
C HIS A 189 29.60 -8.11 19.87
N VAL A 190 29.51 -9.00 20.87
CA VAL A 190 28.28 -9.64 21.28
C VAL A 190 27.90 -9.24 22.72
N THR A 191 26.59 -9.07 22.96
CA THR A 191 26.06 -8.73 24.27
C THR A 191 25.04 -9.80 24.64
N HIS A 192 25.00 -10.15 25.92
CA HIS A 192 24.05 -11.16 26.35
C HIS A 192 23.18 -10.59 27.45
N HIS A 193 21.86 -10.78 27.29
CA HIS A 193 20.86 -10.20 28.17
C HIS A 193 20.00 -11.35 28.70
N PRO A 194 20.23 -11.80 29.97
CA PRO A 194 19.50 -12.98 30.49
C PRO A 194 17.99 -12.81 30.56
N ARG A 195 17.30 -13.52 29.65
CA ARG A 195 15.84 -13.44 29.46
C ARG A 195 15.04 -14.63 30.00
N SER A 196 14.20 -14.35 31.04
CA SER A 196 13.28 -15.30 31.68
C SER A 196 13.95 -16.60 32.17
N LYS A 197 13.36 -17.77 31.82
CA LYS A 197 13.73 -19.14 32.14
C LYS A 197 15.06 -19.62 31.46
N GLY A 198 16.18 -19.08 31.96
CA GLY A 198 17.53 -19.34 31.47
C GLY A 198 17.85 -18.90 30.05
N GLU A 199 16.78 -18.64 29.22
CA GLU A 199 16.75 -18.24 27.81
C GLU A 199 17.37 -16.88 27.48
N VAL A 200 18.70 -16.77 27.64
CA VAL A 200 19.48 -15.56 27.36
C VAL A 200 19.53 -15.16 25.85
N THR A 201 19.17 -13.90 25.55
CA THR A 201 19.24 -13.35 24.20
C THR A 201 20.66 -12.84 23.91
N LEU A 202 21.22 -13.24 22.74
CA LEU A 202 22.57 -12.84 22.30
C LEU A 202 22.47 -11.93 21.07
N ARG A 203 23.07 -10.74 21.18
CA ARG A 203 22.99 -9.68 20.21
C ARG A 203 24.35 -9.37 19.63
N CYS A 204 24.49 -9.55 18.29
CA CYS A 204 25.71 -9.26 17.52
C CYS A 204 25.63 -7.85 16.96
N TRP A 205 26.49 -6.96 17.45
CA TRP A 205 26.56 -5.58 17.04
C TRP A 205 27.63 -5.42 16.00
N ALA A 206 27.40 -4.57 15.00
CA ALA A 206 28.36 -4.18 13.97
C ALA A 206 28.24 -2.65 13.98
N LEU A 207 29.37 -1.97 14.17
CA LEU A 207 29.38 -0.51 14.32
C LEU A 207 30.55 0.12 13.61
N GLY A 208 30.36 1.35 13.18
CA GLY A 208 31.38 2.14 12.49
C GLY A 208 31.70 1.67 11.09
N PHE A 209 30.70 1.17 10.36
CA PHE A 209 30.97 0.75 8.98
C PHE A 209 30.52 1.73 7.86
N TYR A 210 31.26 1.75 6.76
CA TYR A 210 30.95 2.49 5.55
C TYR A 210 31.45 1.66 4.36
N PRO A 211 30.61 1.38 3.33
CA PRO A 211 29.21 1.80 3.15
C PRO A 211 28.25 1.07 4.04
N ALA A 212 26.94 1.33 3.86
CA ALA A 212 25.84 0.76 4.65
C ALA A 212 25.53 -0.72 4.42
N ASP A 213 25.83 -1.25 3.24
CA ASP A 213 25.56 -2.67 2.98
C ASP A 213 26.43 -3.56 3.85
N ILE A 214 25.78 -4.46 4.59
CA ILE A 214 26.40 -5.38 5.52
C ILE A 214 25.51 -6.61 5.60
N THR A 215 26.09 -7.72 6.07
CA THR A 215 25.39 -8.98 6.33
C THR A 215 25.84 -9.50 7.68
N LEU A 216 24.85 -9.75 8.54
CA LEU A 216 25.04 -10.31 9.87
C LEU A 216 24.24 -11.59 9.94
N THR A 217 24.86 -12.66 10.45
CA THR A 217 24.24 -13.97 10.60
C THR A 217 24.65 -14.66 11.92
N TRP A 218 23.74 -15.52 12.43
CA TRP A 218 23.97 -16.32 13.63
C TRP A 218 23.95 -17.81 13.23
N GLN A 219 24.89 -18.60 13.75
CA GLN A 219 25.00 -20.04 13.44
C GLN A 219 25.04 -20.96 14.69
N LEU A 220 24.22 -22.04 14.67
CA LEU A 220 24.10 -23.10 15.69
C LEU A 220 24.95 -24.30 15.21
N ASN A 221 26.24 -24.34 15.62
CA ASN A 221 27.21 -25.39 15.25
C ASN A 221 27.35 -25.58 13.71
N GLY A 222 27.67 -24.46 13.04
CA GLY A 222 27.87 -24.40 11.60
C GLY A 222 26.62 -24.29 10.74
N GLU A 223 25.43 -24.30 11.37
CA GLU A 223 24.15 -24.21 10.68
C GLU A 223 23.51 -22.85 10.91
N GLU A 224 23.38 -22.04 9.85
CA GLU A 224 22.79 -20.69 9.91
C GLU A 224 21.36 -20.66 10.43
N LEU A 225 21.05 -19.68 11.31
CA LEU A 225 19.74 -19.48 11.92
C LEU A 225 18.83 -18.66 10.98
N THR A 226 17.78 -19.31 10.41
CA THR A 226 16.79 -18.67 9.51
C THR A 226 15.67 -17.94 10.30
N GLN A 227 14.95 -18.69 11.16
CA GLN A 227 13.89 -18.21 12.05
C GLN A 227 14.52 -17.76 13.38
N ASP A 228 13.74 -17.08 14.25
CA ASP A 228 14.14 -16.55 15.58
C ASP A 228 15.03 -15.28 15.54
N MET A 229 15.92 -15.17 14.53
CA MET A 229 16.90 -14.08 14.37
C MET A 229 16.30 -12.71 14.07
N GLU A 230 16.34 -11.82 15.09
CA GLU A 230 15.87 -10.43 15.04
C GLU A 230 16.98 -9.52 14.47
N LEU A 231 16.61 -8.69 13.49
CA LEU A 231 17.50 -7.83 12.73
C LEU A 231 16.96 -6.40 12.62
N VAL A 232 17.63 -5.43 13.29
CA VAL A 232 17.28 -4.00 13.20
C VAL A 232 17.66 -3.43 11.81
N GLU A 233 16.96 -2.39 11.36
CA GLU A 233 17.27 -1.71 10.10
C GLU A 233 18.56 -0.91 10.27
N THR A 234 19.41 -0.89 9.24
CA THR A 234 20.70 -0.19 9.27
C THR A 234 20.45 1.29 9.55
N ARG A 235 21.21 1.83 10.52
CA ARG A 235 20.98 3.19 10.98
C ARG A 235 22.24 4.01 10.94
N PRO A 236 22.16 5.33 10.64
CA PRO A 236 23.38 6.15 10.66
C PRO A 236 23.81 6.53 12.09
N ALA A 237 25.11 6.43 12.38
CA ALA A 237 25.66 6.79 13.68
C ALA A 237 25.76 8.30 13.82
N GLY A 238 25.81 9.02 12.69
CA GLY A 238 25.87 10.47 12.66
C GLY A 238 27.23 11.06 12.30
N ASP A 239 28.31 10.26 12.43
CA ASP A 239 29.69 10.65 12.12
C ASP A 239 30.03 10.41 10.65
N GLY A 240 29.11 9.74 9.95
CA GLY A 240 29.22 9.37 8.55
C GLY A 240 29.25 7.86 8.40
N THR A 241 29.13 7.13 9.54
CA THR A 241 29.14 5.67 9.58
C THR A 241 27.78 5.11 9.93
N PHE A 242 27.67 3.77 9.88
CA PHE A 242 26.43 3.05 10.15
C PHE A 242 26.53 2.04 11.24
N GLN A 243 25.38 1.57 11.71
CA GLN A 243 25.23 0.59 12.77
C GLN A 243 24.15 -0.39 12.39
N LYS A 244 24.26 -1.61 12.91
CA LYS A 244 23.29 -2.69 12.73
C LYS A 244 23.59 -3.77 13.78
N TRP A 245 22.54 -4.49 14.21
CA TRP A 245 22.61 -5.61 15.13
C TRP A 245 21.62 -6.68 14.77
N ALA A 246 22.00 -7.94 15.08
CA ALA A 246 21.18 -9.13 14.86
C ALA A 246 21.17 -9.88 16.18
N SER A 247 19.99 -10.35 16.59
CA SER A 247 19.82 -11.03 17.87
C SER A 247 19.13 -12.37 17.77
N VAL A 248 19.63 -13.32 18.57
CA VAL A 248 19.09 -14.67 18.68
C VAL A 248 18.62 -14.97 20.12
N VAL A 249 17.35 -15.42 20.21
CA VAL A 249 16.64 -15.66 21.46
C VAL A 249 16.86 -17.02 22.09
N VAL A 250 16.47 -18.10 21.37
CA VAL A 250 16.49 -19.53 21.73
C VAL A 250 17.64 -20.01 22.69
N PRO A 251 18.94 -19.61 22.51
CA PRO A 251 20.00 -20.07 23.45
C PRO A 251 19.69 -19.95 24.95
N LEU A 252 19.76 -21.08 25.69
CA LEU A 252 19.53 -21.10 27.15
C LEU A 252 20.92 -20.99 27.81
N GLY A 253 21.20 -21.75 28.87
CA GLY A 253 22.54 -21.78 29.47
C GLY A 253 23.48 -22.69 28.68
N LYS A 254 23.58 -22.48 27.33
CA LYS A 254 24.36 -23.24 26.34
C LYS A 254 24.66 -22.28 25.15
N GLU A 255 25.40 -21.20 25.44
CA GLU A 255 25.70 -20.09 24.50
C GLU A 255 26.82 -20.27 23.51
N GLN A 256 27.84 -21.08 23.83
CA GLN A 256 28.99 -21.24 22.92
C GLN A 256 28.74 -22.04 21.60
N ASN A 257 27.54 -22.67 21.47
CA ASN A 257 27.09 -23.37 20.25
C ASN A 257 26.77 -22.35 19.15
N TYR A 258 26.36 -21.14 19.59
CA TYR A 258 25.93 -20.00 18.76
C TYR A 258 27.04 -19.06 18.40
N THR A 259 27.20 -18.84 17.08
CA THR A 259 28.25 -18.02 16.47
C THR A 259 27.73 -16.97 15.48
N CYS A 260 28.30 -15.75 15.54
CA CYS A 260 27.93 -14.63 14.67
C CYS A 260 28.97 -14.40 13.59
N ARG A 261 28.49 -14.01 12.38
N ARG A 261 28.49 -14.01 12.38
CA ARG A 261 29.36 -13.71 11.21
CA ARG A 261 29.34 -13.74 11.19
C ARG A 261 29.00 -12.37 10.57
C ARG A 261 29.00 -12.38 10.54
N VAL A 262 30.01 -11.49 10.39
CA VAL A 262 29.88 -10.15 9.78
C VAL A 262 30.56 -10.12 8.40
N TYR A 263 29.81 -9.77 7.34
CA TYR A 263 30.29 -9.68 5.97
C TYR A 263 30.20 -8.25 5.48
N HIS A 264 31.35 -7.68 5.10
CA HIS A 264 31.41 -6.30 4.65
C HIS A 264 32.60 -6.15 3.71
N GLU A 265 32.43 -5.41 2.62
CA GLU A 265 33.44 -5.17 1.59
C GLU A 265 34.73 -4.49 2.11
N GLY A 266 34.64 -3.81 3.25
CA GLY A 266 35.74 -3.09 3.88
C GLY A 266 36.57 -3.96 4.78
N LEU A 267 36.07 -5.18 5.04
CA LEU A 267 36.68 -6.19 5.89
C LEU A 267 37.79 -6.94 5.14
N PRO A 268 39.02 -7.04 5.74
CA PRO A 268 40.10 -7.80 5.08
C PRO A 268 39.85 -9.30 5.11
N GLU A 269 38.76 -9.74 5.79
CA GLU A 269 38.32 -11.12 5.98
C GLU A 269 37.02 -11.11 6.83
N PRO A 270 35.94 -11.88 6.48
CA PRO A 270 34.74 -11.90 7.34
C PRO A 270 35.04 -12.22 8.81
N LEU A 271 34.41 -11.47 9.73
CA LEU A 271 34.60 -11.63 11.18
C LEU A 271 33.75 -12.77 11.70
N THR A 272 34.17 -13.40 12.81
CA THR A 272 33.44 -14.47 13.51
C THR A 272 33.62 -14.29 15.02
N LEU A 273 32.51 -14.29 15.78
CA LEU A 273 32.55 -14.11 17.24
C LEU A 273 31.37 -14.72 18.00
N ARG A 274 31.58 -15.00 19.30
CA ARG A 274 30.61 -15.54 20.26
C ARG A 274 30.78 -14.72 21.56
N TRP A 275 31.13 -15.39 22.69
CA TRP A 275 31.38 -14.84 24.04
C TRP A 275 30.16 -14.84 24.97
N GLU A 276 30.35 -14.37 26.24
CA GLU A 276 29.39 -14.33 27.35
C GLU A 276 27.95 -14.09 26.93
N GLN B 2 -0.40 9.11 2.84
CA GLN B 2 0.01 9.07 4.26
C GLN B 2 0.84 7.81 4.60
N LYS B 3 2.18 7.97 4.74
CA LYS B 3 3.07 6.87 5.11
C LYS B 3 3.51 7.03 6.58
N THR B 4 3.37 5.93 7.40
CA THR B 4 3.68 5.87 8.84
C THR B 4 5.18 5.89 9.22
N PRO B 5 5.61 6.91 10.01
CA PRO B 5 7.03 7.01 10.37
C PRO B 5 7.54 5.86 11.21
N GLN B 6 8.75 5.37 10.85
CA GLN B 6 9.51 4.33 11.57
C GLN B 6 10.56 5.07 12.37
N ILE B 7 10.68 4.74 13.67
CA ILE B 7 11.58 5.42 14.61
C ILE B 7 12.58 4.44 15.22
N GLN B 8 13.81 4.93 15.42
CA GLN B 8 14.92 4.25 16.11
C GLN B 8 15.59 5.27 16.99
N VAL B 9 15.68 4.95 18.28
CA VAL B 9 16.35 5.77 19.33
C VAL B 9 17.54 4.92 19.78
N TYR B 10 18.74 5.47 19.58
CA TYR B 10 20.00 4.76 19.85
C TYR B 10 21.11 5.79 20.03
N SER B 11 22.24 5.37 20.62
CA SER B 11 23.42 6.23 20.84
C SER B 11 24.46 6.03 19.77
N ARG B 12 25.25 7.10 19.49
CA ARG B 12 26.33 7.10 18.50
C ARG B 12 27.40 6.07 18.82
N HIS B 13 27.82 6.02 20.10
CA HIS B 13 28.89 5.12 20.63
C HIS B 13 28.31 4.25 21.71
N PRO B 14 28.91 3.06 22.02
CA PRO B 14 28.34 2.23 23.10
C PRO B 14 28.24 2.99 24.45
N PRO B 15 27.09 2.86 25.16
CA PRO B 15 26.91 3.67 26.38
C PRO B 15 27.65 3.19 27.62
N GLU B 16 28.47 4.10 28.15
CA GLU B 16 29.25 3.92 29.36
C GLU B 16 28.85 5.08 30.26
N ASN B 17 28.17 4.76 31.40
CA ASN B 17 27.68 5.77 32.36
C ASN B 17 28.78 6.77 32.71
N GLY B 18 28.45 8.05 32.60
CA GLY B 18 29.39 9.13 32.88
C GLY B 18 30.19 9.62 31.68
N LYS B 19 30.25 8.81 30.59
CA LYS B 19 30.97 9.18 29.37
C LYS B 19 30.10 9.97 28.36
N PRO B 20 30.52 11.20 27.96
CA PRO B 20 29.72 11.96 26.98
C PRO B 20 29.58 11.20 25.67
N ASN B 21 28.36 11.21 25.14
CA ASN B 21 27.97 10.48 23.94
C ASN B 21 27.03 11.38 23.12
N ILE B 22 26.35 10.78 22.13
CA ILE B 22 25.35 11.41 21.28
C ILE B 22 24.15 10.48 21.15
N LEU B 23 22.96 11.04 21.41
CA LEU B 23 21.69 10.33 21.26
C LEU B 23 21.03 10.70 19.96
N ASN B 24 20.75 9.66 19.15
CA ASN B 24 20.12 9.76 17.83
C ASN B 24 18.66 9.29 17.83
N CYS B 25 17.85 10.03 17.08
CA CYS B 25 16.47 9.69 16.77
C CYS B 25 16.39 9.67 15.25
N TYR B 26 16.33 8.46 14.67
CA TYR B 26 16.28 8.26 13.21
C TYR B 26 14.86 7.98 12.77
N VAL B 27 14.26 8.95 12.06
CA VAL B 27 12.88 8.86 11.59
C VAL B 27 12.86 8.69 10.06
N THR B 28 12.24 7.60 9.61
CA THR B 28 12.17 7.20 8.20
C THR B 28 10.77 6.78 7.76
N GLN B 29 10.62 6.50 6.44
CA GLN B 29 9.40 5.98 5.81
C GLN B 29 8.18 6.86 5.96
N PHE B 30 8.33 8.19 5.92
CA PHE B 30 7.18 9.08 6.09
C PHE B 30 6.87 9.99 4.90
N HIS B 31 5.57 10.26 4.74
CA HIS B 31 5.02 11.12 3.72
C HIS B 31 3.66 11.65 4.17
N PRO B 32 3.36 12.97 4.09
CA PRO B 32 4.16 14.10 3.56
C PRO B 32 5.39 14.47 4.37
N PRO B 33 6.29 15.34 3.83
CA PRO B 33 7.53 15.67 4.57
C PRO B 33 7.41 16.45 5.87
N HIS B 34 6.25 17.03 6.14
CA HIS B 34 6.05 17.77 7.37
C HIS B 34 5.92 16.81 8.54
N ILE B 35 6.83 16.96 9.50
CA ILE B 35 6.94 16.14 10.69
C ILE B 35 7.40 17.01 11.87
N GLU B 36 7.06 16.56 13.08
CA GLU B 36 7.47 17.17 14.33
C GLU B 36 8.16 16.11 15.17
N ILE B 37 9.44 16.33 15.49
CA ILE B 37 10.26 15.44 16.31
C ILE B 37 10.73 16.18 17.57
N GLN B 38 10.57 15.51 18.74
CA GLN B 38 10.97 15.97 20.06
C GLN B 38 11.86 14.93 20.73
N MET B 39 12.95 15.38 21.39
CA MET B 39 13.76 14.47 22.19
C MET B 39 13.54 14.82 23.65
N LEU B 40 13.28 13.80 24.49
CA LEU B 40 12.93 13.99 25.90
C LEU B 40 13.90 13.35 26.92
N LYS B 41 14.42 14.16 27.90
CA LYS B 41 15.25 13.67 29.02
C LYS B 41 14.33 13.65 30.22
N ASN B 42 13.94 12.45 30.67
CA ASN B 42 13.00 12.20 31.78
C ASN B 42 11.61 12.85 31.59
N GLY B 43 11.04 12.66 30.40
CA GLY B 43 9.74 13.20 30.03
C GLY B 43 9.73 14.70 29.74
N LYS B 44 10.93 15.32 29.64
CA LYS B 44 11.01 16.75 29.39
C LYS B 44 11.83 17.06 28.12
N LYS B 45 11.37 18.03 27.31
CA LYS B 45 11.99 18.47 26.06
C LYS B 45 13.45 18.87 26.21
N ILE B 46 14.31 18.35 25.33
CA ILE B 46 15.71 18.69 25.35
C ILE B 46 15.91 19.93 24.42
N PRO B 47 16.27 21.11 24.98
CA PRO B 47 16.59 22.24 24.09
C PRO B 47 17.93 21.88 23.39
N LYS B 48 18.21 22.48 22.25
CA LYS B 48 19.41 22.17 21.47
C LYS B 48 19.45 20.72 20.90
N VAL B 49 18.45 20.45 20.09
CA VAL B 49 18.33 19.23 19.31
C VAL B 49 18.73 19.60 17.88
N GLU B 50 19.80 18.94 17.39
CA GLU B 50 20.32 19.09 16.06
C GLU B 50 19.48 18.20 15.12
N MET B 51 19.11 18.74 13.95
CA MET B 51 18.29 18.04 12.95
C MET B 51 18.99 18.02 11.61
N SER B 52 19.12 16.83 11.00
CA SER B 52 19.69 16.71 9.66
C SER B 52 18.74 17.39 8.67
N ASP B 53 19.24 17.77 7.49
CA ASP B 53 18.42 18.40 6.47
C ASP B 53 17.53 17.34 5.86
N MET B 54 16.33 17.70 5.38
CA MET B 54 15.46 16.67 4.82
C MET B 54 15.88 16.14 3.49
N SER B 55 15.78 14.79 3.42
CA SER B 55 16.13 13.99 2.28
C SER B 55 15.03 12.98 2.08
N PHE B 56 15.02 12.36 0.90
CA PHE B 56 14.06 11.32 0.61
C PHE B 56 14.77 10.12 -0.02
N SER B 57 14.17 8.95 0.11
CA SER B 57 14.72 7.71 -0.41
C SER B 57 14.26 7.45 -1.84
N LYS B 58 14.76 6.36 -2.45
CA LYS B 58 14.40 5.89 -3.79
C LYS B 58 12.90 5.59 -3.91
N ASP B 59 12.25 5.18 -2.80
CA ASP B 59 10.81 4.87 -2.75
C ASP B 59 9.94 6.11 -2.52
N TRP B 60 10.58 7.32 -2.58
CA TRP B 60 9.99 8.67 -2.42
C TRP B 60 9.76 9.13 -0.96
N SER B 61 9.89 8.22 0.02
CA SER B 61 9.65 8.55 1.44
C SER B 61 10.76 9.41 2.07
N PHE B 62 10.39 10.15 3.11
CA PHE B 62 11.30 11.09 3.75
C PHE B 62 12.00 10.52 4.94
N TYR B 63 13.17 11.06 5.24
CA TYR B 63 13.95 10.65 6.41
C TYR B 63 14.68 11.82 6.98
N ILE B 64 14.90 11.75 8.30
CA ILE B 64 15.55 12.79 9.08
C ILE B 64 16.24 12.16 10.28
N LEU B 65 17.40 12.67 10.66
CA LEU B 65 18.14 12.21 11.85
C LEU B 65 18.22 13.38 12.79
N ALA B 66 17.62 13.20 13.97
CA ALA B 66 17.63 14.16 15.06
C ALA B 66 18.67 13.64 16.07
N HIS B 67 19.57 14.52 16.52
CA HIS B 67 20.59 14.12 17.51
C HIS B 67 20.82 15.14 18.63
N THR B 68 21.31 14.64 19.78
CA THR B 68 21.64 15.45 20.95
C THR B 68 22.84 14.94 21.72
N GLU B 69 23.59 15.85 22.34
CA GLU B 69 24.72 15.57 23.21
C GLU B 69 24.11 15.07 24.52
N PHE B 70 24.52 13.88 24.99
CA PHE B 70 23.97 13.29 26.22
C PHE B 70 25.04 12.50 26.96
N THR B 71 24.88 12.42 28.29
CA THR B 71 25.76 11.65 29.15
C THR B 71 24.87 10.62 29.83
N PRO B 72 24.98 9.33 29.40
CA PRO B 72 24.13 8.28 30.01
C PRO B 72 24.42 8.12 31.50
N THR B 73 23.35 7.85 32.27
CA THR B 73 23.41 7.56 33.71
C THR B 73 22.49 6.33 33.97
N GLU B 74 22.45 5.74 35.18
CA GLU B 74 21.56 4.56 35.35
C GLU B 74 20.10 4.94 35.68
N THR B 75 19.88 6.22 36.11
CA THR B 75 18.55 6.74 36.43
C THR B 75 17.91 7.50 35.26
N ASP B 76 18.68 8.42 34.62
CA ASP B 76 18.21 9.24 33.49
C ASP B 76 17.70 8.41 32.32
N THR B 77 16.42 8.66 31.93
CA THR B 77 15.71 8.05 30.80
C THR B 77 15.68 9.04 29.62
N TYR B 78 15.69 8.51 28.40
CA TYR B 78 15.65 9.32 27.19
C TYR B 78 14.60 8.73 26.21
N ALA B 79 13.85 9.62 25.49
CA ALA B 79 12.84 9.24 24.49
C ALA B 79 12.83 10.16 23.26
N CYS B 80 12.00 9.78 22.25
CA CYS B 80 11.77 10.55 21.03
C CYS B 80 10.28 10.48 20.70
N ARG B 81 9.62 11.65 20.67
CA ARG B 81 8.19 11.78 20.38
C ARG B 81 8.08 12.39 19.00
N VAL B 82 7.33 11.72 18.14
CA VAL B 82 7.12 12.10 16.73
C VAL B 82 5.63 12.37 16.43
N LYS B 83 5.35 13.54 15.83
CA LYS B 83 3.99 13.91 15.42
C LYS B 83 3.90 14.00 13.90
N HIS B 84 3.04 13.16 13.31
CA HIS B 84 2.85 13.12 11.87
C HIS B 84 1.40 12.91 11.52
N ALA B 85 0.98 13.59 10.45
CA ALA B 85 -0.35 13.67 9.83
C ALA B 85 -1.00 12.27 9.62
N SER B 86 -0.15 11.24 9.43
CA SER B 86 -0.49 9.83 9.21
C SER B 86 -0.82 9.07 10.49
N MET B 87 -0.54 9.69 11.65
CA MET B 87 -0.77 9.10 12.96
C MET B 87 -1.81 9.88 13.74
N ALA B 88 -2.74 9.14 14.39
CA ALA B 88 -3.83 9.66 15.18
C ALA B 88 -3.27 10.34 16.42
N GLU B 89 -2.26 9.70 17.02
CA GLU B 89 -1.60 10.15 18.23
C GLU B 89 -0.07 10.22 18.02
N PRO B 90 0.68 11.02 18.83
CA PRO B 90 2.14 11.03 18.68
C PRO B 90 2.74 9.71 19.12
N LYS B 91 3.78 9.23 18.40
CA LYS B 91 4.46 7.99 18.76
C LYS B 91 5.70 8.30 19.57
N THR B 92 5.89 7.60 20.69
CA THR B 92 7.05 7.77 21.57
C THR B 92 7.86 6.50 21.64
N VAL B 93 9.15 6.63 21.36
CA VAL B 93 10.07 5.51 21.44
C VAL B 93 11.11 5.90 22.51
N TYR B 94 11.27 5.04 23.50
CA TYR B 94 12.23 5.19 24.59
C TYR B 94 13.59 4.58 24.24
N TRP B 95 14.67 5.21 24.70
CA TRP B 95 16.04 4.72 24.53
C TRP B 95 16.25 3.50 25.42
N ASP B 96 16.87 2.47 24.84
CA ASP B 96 17.20 1.21 25.53
C ASP B 96 18.65 0.91 25.16
N ARG B 97 19.58 0.96 26.12
CA ARG B 97 21.00 0.74 25.85
C ARG B 97 21.35 -0.61 25.23
N ASP B 98 20.46 -1.61 25.40
CA ASP B 98 20.58 -2.97 24.89
C ASP B 98 20.19 -3.10 23.39
N MET B 99 19.55 -2.06 22.80
CA MET B 99 19.07 -1.99 21.40
C MET B 99 19.66 -0.72 20.69
N ALA C 1 26.79 18.67 -12.16
CA ALA C 1 25.91 19.76 -12.50
C ALA C 1 24.51 19.27 -12.82
N SER C 2 23.49 20.00 -12.33
CA SER C 2 22.08 19.66 -12.50
C SER C 2 21.50 20.03 -13.87
N ASN C 3 20.25 19.69 -14.09
CA ASN C 3 19.56 19.94 -15.35
C ASN C 3 18.34 20.82 -15.19
N GLU C 4 18.06 21.63 -16.23
CA GLU C 4 16.86 22.46 -16.33
C GLU C 4 15.79 21.62 -17.02
N ASN C 5 14.61 21.43 -16.40
CA ASN C 5 13.52 20.66 -17.02
C ASN C 5 13.00 21.36 -18.29
N TRP C 6 12.29 20.61 -19.15
CA TRP C 6 11.75 21.14 -20.41
C TRP C 6 10.29 21.63 -20.18
N GLU C 7 9.32 20.98 -20.83
CA GLU C 7 7.91 21.30 -20.76
C GLU C 7 7.38 21.03 -19.36
N THR C 8 6.45 21.89 -18.89
CA THR C 8 5.83 21.76 -17.58
C THR C 8 4.89 20.57 -17.60
N MET C 9 4.52 20.07 -16.42
CA MET C 9 3.63 18.92 -16.31
C MET C 9 2.22 19.22 -16.75
N GLY D 2 -24.12 -23.25 11.49
CA GLY D 2 -22.83 -22.62 11.71
C GLY D 2 -22.92 -21.16 12.09
N PRO D 3 -21.83 -20.35 11.91
CA PRO D 3 -21.92 -18.91 12.27
C PRO D 3 -22.84 -18.12 11.32
N HIS D 4 -23.43 -17.06 11.84
CA HIS D 4 -24.34 -16.19 11.11
C HIS D 4 -23.93 -14.75 11.24
N SER D 5 -24.38 -13.91 10.28
CA SER D 5 -24.05 -12.50 10.22
C SER D 5 -25.06 -11.67 9.49
N MET D 6 -25.12 -10.39 9.89
CA MET D 6 -25.88 -9.37 9.22
C MET D 6 -24.92 -8.20 9.08
N ARG D 7 -24.96 -7.56 7.92
CA ARG D 7 -24.10 -6.45 7.59
C ARG D 7 -24.82 -5.47 6.65
N TYR D 8 -24.57 -4.15 6.84
CA TYR D 8 -25.05 -3.06 5.96
C TYR D 8 -23.83 -2.32 5.48
N PHE D 9 -23.66 -2.25 4.17
CA PHE D 9 -22.54 -1.62 3.46
C PHE D 9 -23.02 -0.33 2.80
N GLU D 10 -22.63 0.83 3.33
CA GLU D 10 -23.10 2.14 2.87
C GLU D 10 -22.01 2.93 2.15
N THR D 11 -22.39 3.64 1.09
CA THR D 11 -21.49 4.44 0.26
C THR D 11 -22.18 5.72 -0.13
N ALA D 12 -21.47 6.85 0.06
CA ALA D 12 -21.88 8.17 -0.34
C ALA D 12 -20.76 8.69 -1.24
N VAL D 13 -21.08 9.06 -2.48
CA VAL D 13 -20.10 9.54 -3.44
C VAL D 13 -20.52 10.96 -3.78
N SER D 14 -19.67 11.94 -3.44
CA SER D 14 -19.97 13.33 -3.74
C SER D 14 -19.87 13.56 -5.26
N ARG D 15 -20.69 14.47 -5.78
CA ARG D 15 -20.71 14.74 -7.22
C ARG D 15 -20.32 16.19 -7.45
N PRO D 16 -19.14 16.46 -8.08
CA PRO D 16 -18.68 17.85 -8.27
C PRO D 16 -19.69 18.98 -8.57
N GLY D 17 -19.45 20.08 -7.86
CA GLY D 17 -20.20 21.34 -7.93
C GLY D 17 -21.67 21.23 -7.58
N LEU D 18 -22.48 20.97 -8.63
CA LEU D 18 -23.94 20.83 -8.45
C LEU D 18 -24.26 19.41 -8.01
N GLU D 19 -25.55 19.01 -8.01
CA GLU D 19 -26.03 17.70 -7.57
C GLU D 19 -25.70 17.49 -6.09
N GLU D 20 -26.30 16.44 -5.53
CA GLU D 20 -26.06 16.02 -4.18
C GLU D 20 -25.32 14.69 -4.29
N PRO D 21 -24.74 14.12 -3.21
CA PRO D 21 -24.04 12.84 -3.36
C PRO D 21 -25.02 11.72 -3.71
N ARG D 22 -24.49 10.65 -4.30
CA ARG D 22 -25.23 9.44 -4.56
C ARG D 22 -25.02 8.58 -3.32
N TYR D 23 -26.11 8.09 -2.75
CA TYR D 23 -26.06 7.24 -1.56
C TYR D 23 -26.62 5.85 -1.88
N ILE D 24 -25.86 4.81 -1.52
CA ILE D 24 -26.23 3.40 -1.71
C ILE D 24 -26.09 2.62 -0.41
N SER D 25 -27.12 1.87 -0.02
CA SER D 25 -27.03 0.99 1.13
C SER D 25 -27.40 -0.43 0.72
N VAL D 26 -26.50 -1.37 0.95
CA VAL D 26 -26.67 -2.79 0.65
C VAL D 26 -26.66 -3.58 1.96
N GLY D 27 -27.72 -4.32 2.21
CA GLY D 27 -27.80 -5.20 3.37
C GLY D 27 -27.49 -6.63 2.96
N TYR D 28 -26.79 -7.35 3.84
CA TYR D 28 -26.39 -8.76 3.68
C TYR D 28 -26.80 -9.55 4.93
N VAL D 29 -27.28 -10.79 4.72
CA VAL D 29 -27.63 -11.80 5.74
C VAL D 29 -26.85 -13.03 5.27
N ASP D 30 -25.81 -13.40 6.03
CA ASP D 30 -24.91 -14.52 5.72
C ASP D 30 -24.20 -14.32 4.37
N ASN D 31 -23.65 -13.09 4.17
CA ASN D 31 -22.90 -12.68 2.96
C ASN D 31 -23.69 -12.69 1.63
N LYS D 32 -25.02 -12.82 1.70
CA LYS D 32 -25.88 -12.78 0.52
C LYS D 32 -26.78 -11.52 0.63
N GLU D 33 -26.83 -10.71 -0.44
CA GLU D 33 -27.62 -9.49 -0.51
C GLU D 33 -29.10 -9.77 -0.31
N PHE D 34 -29.75 -9.01 0.58
CA PHE D 34 -31.18 -9.20 0.90
C PHE D 34 -32.04 -7.94 0.73
N VAL D 35 -31.43 -6.75 0.82
CA VAL D 35 -32.06 -5.42 0.65
C VAL D 35 -31.09 -4.49 -0.03
N ARG D 36 -31.59 -3.46 -0.70
CA ARG D 36 -30.79 -2.43 -1.36
C ARG D 36 -31.55 -1.12 -1.51
N PHE D 37 -30.86 0.01 -1.21
CA PHE D 37 -31.34 1.37 -1.40
C PHE D 37 -30.38 2.09 -2.32
N ASP D 38 -30.90 2.89 -3.26
CA ASP D 38 -30.08 3.68 -4.18
C ASP D 38 -30.79 4.97 -4.46
N SER D 39 -30.15 6.10 -4.07
CA SER D 39 -30.66 7.47 -4.23
C SER D 39 -30.87 7.89 -5.70
N ASP D 40 -30.21 7.17 -6.65
CA ASP D 40 -30.26 7.38 -8.09
C ASP D 40 -31.42 6.65 -8.77
N ALA D 41 -32.22 5.88 -8.02
CA ALA D 41 -33.39 5.16 -8.54
C ALA D 41 -34.50 6.16 -8.90
N GLU D 42 -35.45 5.77 -9.81
CA GLU D 42 -36.58 6.64 -10.20
C GLU D 42 -37.34 7.03 -8.92
N ASN D 43 -37.76 6.01 -8.13
CA ASN D 43 -38.35 6.22 -6.81
C ASN D 43 -37.36 5.58 -5.81
N PRO D 44 -36.53 6.40 -5.11
CA PRO D 44 -35.54 5.83 -4.18
C PRO D 44 -36.23 5.33 -2.92
N ARG D 45 -36.14 4.01 -2.71
CA ARG D 45 -36.68 3.31 -1.56
C ARG D 45 -35.92 2.00 -1.38
N TYR D 46 -35.99 1.40 -0.17
CA TYR D 46 -35.36 0.10 0.09
C TYR D 46 -36.17 -0.95 -0.62
N GLU D 47 -35.48 -1.89 -1.30
CA GLU D 47 -36.11 -2.93 -2.10
C GLU D 47 -35.66 -4.33 -1.71
N PRO D 48 -36.57 -5.34 -1.69
CA PRO D 48 -36.12 -6.72 -1.37
C PRO D 48 -35.24 -7.25 -2.48
N ARG D 49 -34.14 -7.93 -2.10
CA ARG D 49 -33.16 -8.48 -3.03
C ARG D 49 -32.97 -10.01 -2.87
N ALA D 50 -33.82 -10.61 -2.01
CA ALA D 50 -33.97 -12.04 -1.71
C ALA D 50 -35.48 -12.35 -1.70
N PRO D 51 -35.92 -13.55 -2.17
CA PRO D 51 -37.37 -13.85 -2.23
C PRO D 51 -38.11 -13.81 -0.90
N TRP D 52 -37.49 -14.33 0.16
CA TRP D 52 -38.03 -14.38 1.51
C TRP D 52 -38.26 -13.02 2.16
N MET D 53 -37.75 -11.94 1.55
CA MET D 53 -37.91 -10.58 2.05
C MET D 53 -39.26 -9.93 1.62
N GLU D 54 -39.91 -10.48 0.58
CA GLU D 54 -41.18 -10.03 0.02
C GLU D 54 -42.35 -10.10 1.04
N GLN D 55 -42.19 -10.94 2.08
CA GLN D 55 -43.19 -11.12 3.15
C GLN D 55 -43.26 -9.95 4.15
N GLU D 56 -42.26 -9.04 4.12
CA GLU D 56 -42.24 -7.85 4.98
C GLU D 56 -43.23 -6.84 4.41
N GLY D 57 -44.13 -6.36 5.26
CA GLY D 57 -45.19 -5.42 4.95
C GLY D 57 -44.76 -4.01 4.54
N PRO D 58 -45.73 -3.22 4.01
CA PRO D 58 -45.40 -1.84 3.56
C PRO D 58 -44.74 -0.95 4.61
N GLU D 59 -45.13 -1.13 5.89
CA GLU D 59 -44.61 -0.38 7.04
C GLU D 59 -43.10 -0.58 7.22
N TYR D 60 -42.60 -1.80 6.90
CA TYR D 60 -41.17 -2.19 6.95
C TYR D 60 -40.35 -1.35 5.94
N TRP D 61 -40.74 -1.40 4.65
CA TRP D 61 -40.06 -0.69 3.57
C TRP D 61 -40.11 0.83 3.76
N GLU D 62 -41.23 1.33 4.32
CA GLU D 62 -41.47 2.75 4.62
C GLU D 62 -40.45 3.26 5.67
N ARG D 63 -40.36 2.54 6.79
CA ARG D 63 -39.44 2.78 7.91
C ARG D 63 -37.97 2.69 7.48
N GLU D 64 -37.62 1.71 6.64
CA GLU D 64 -36.25 1.54 6.14
C GLU D 64 -35.87 2.67 5.20
N THR D 65 -36.83 3.13 4.38
CA THR D 65 -36.60 4.25 3.45
C THR D 65 -36.38 5.55 4.25
N GLN D 66 -37.13 5.72 5.36
CA GLN D 66 -37.03 6.87 6.27
C GLN D 66 -35.64 6.96 6.88
N LYS D 67 -35.11 5.81 7.29
CA LYS D 67 -33.78 5.67 7.85
C LYS D 67 -32.75 6.04 6.80
N ALA D 68 -32.87 5.47 5.58
CA ALA D 68 -31.99 5.75 4.44
C ALA D 68 -31.91 7.23 4.08
N LYS D 69 -33.04 7.95 4.20
CA LYS D 69 -33.12 9.40 3.91
C LYS D 69 -32.32 10.23 4.90
N GLY D 70 -32.37 9.84 6.19
CA GLY D 70 -31.61 10.45 7.27
C GLY D 70 -30.13 10.20 7.10
N GLN D 71 -29.77 9.00 6.63
CA GLN D 71 -28.41 8.56 6.32
C GLN D 71 -27.86 9.39 5.17
N GLU D 72 -28.68 9.65 4.15
CA GLU D 72 -28.29 10.49 3.02
C GLU D 72 -27.82 11.88 3.54
N GLN D 73 -28.58 12.48 4.48
CA GLN D 73 -28.27 13.76 5.10
C GLN D 73 -27.04 13.71 5.99
N TRP D 74 -26.87 12.65 6.79
CA TRP D 74 -25.71 12.44 7.65
C TRP D 74 -24.43 12.39 6.80
N PHE D 75 -24.44 11.64 5.69
CA PHE D 75 -23.30 11.52 4.79
C PHE D 75 -22.99 12.85 4.08
N ARG D 76 -24.02 13.66 3.74
CA ARG D 76 -23.86 15.01 3.16
C ARG D 76 -23.11 15.94 4.13
N VAL D 77 -23.51 15.98 5.41
CA VAL D 77 -22.89 16.82 6.42
C VAL D 77 -21.44 16.39 6.64
N SER D 78 -21.22 15.10 6.93
CA SER D 78 -19.93 14.45 7.15
C SER D 78 -18.99 14.61 5.96
N LEU D 79 -19.50 14.51 4.72
CA LEU D 79 -18.71 14.66 3.49
C LEU D 79 -18.06 16.07 3.46
N ARG D 80 -18.86 17.10 3.82
CA ARG D 80 -18.48 18.50 3.90
C ARG D 80 -17.42 18.74 4.99
N ASN D 81 -17.61 18.12 6.16
CA ASN D 81 -16.68 18.23 7.28
C ASN D 81 -15.29 17.68 6.91
N LEU D 82 -15.22 16.48 6.33
CA LEU D 82 -13.97 15.83 5.88
C LEU D 82 -13.19 16.63 4.82
N LEU D 83 -13.92 17.34 3.98
CA LEU D 83 -13.42 18.26 2.94
C LEU D 83 -12.64 19.40 3.61
N GLY D 84 -13.05 19.80 4.82
CA GLY D 84 -12.37 20.81 5.60
C GLY D 84 -11.16 20.27 6.33
N TYR D 85 -11.28 19.04 6.92
CA TYR D 85 -10.20 18.37 7.68
C TYR D 85 -8.99 18.06 6.77
N TYR D 86 -9.28 17.61 5.54
CA TYR D 86 -8.26 17.20 4.56
C TYR D 86 -7.89 18.28 3.55
N ASN D 87 -8.49 19.48 3.64
CA ASN D 87 -8.20 20.63 2.77
C ASN D 87 -8.34 20.26 1.31
N GLN D 88 -9.57 19.83 0.96
CA GLN D 88 -9.92 19.37 -0.37
C GLN D 88 -10.88 20.28 -1.08
N SER D 89 -10.97 20.09 -2.39
CA SER D 89 -11.85 20.86 -3.26
C SER D 89 -13.14 20.08 -3.51
N ALA D 90 -14.30 20.76 -3.44
CA ALA D 90 -15.58 20.17 -3.76
C ALA D 90 -15.73 19.94 -5.29
N GLY D 91 -14.77 20.43 -6.07
CA GLY D 91 -14.67 20.24 -7.52
C GLY D 91 -14.29 18.82 -7.93
N GLY D 92 -13.78 18.05 -6.97
CA GLY D 92 -13.47 16.64 -7.14
C GLY D 92 -14.48 15.74 -6.43
N SER D 93 -14.49 14.45 -6.81
CA SER D 93 -15.40 13.50 -6.20
C SER D 93 -14.74 12.83 -5.00
N HIS D 94 -15.47 12.72 -3.90
CA HIS D 94 -14.98 12.12 -2.68
C HIS D 94 -15.89 10.98 -2.22
N THR D 95 -15.32 9.96 -1.55
CA THR D 95 -16.03 8.76 -1.14
C THR D 95 -16.01 8.47 0.34
N LEU D 96 -17.20 8.32 0.91
CA LEU D 96 -17.39 7.96 2.28
C LEU D 96 -18.11 6.60 2.31
N GLN D 97 -17.49 5.60 2.97
CA GLN D 97 -18.07 4.26 3.10
C GLN D 97 -18.21 3.84 4.56
N GLN D 98 -19.23 3.01 4.84
CA GLN D 98 -19.52 2.51 6.17
C GLN D 98 -19.88 1.01 6.14
N MET D 99 -19.40 0.26 7.13
CA MET D 99 -19.74 -1.16 7.31
C MET D 99 -20.18 -1.35 8.77
N SER D 100 -21.32 -1.93 8.97
CA SER D 100 -21.85 -2.19 10.31
C SER D 100 -22.73 -3.45 10.32
N GLY D 101 -22.78 -4.10 11.46
CA GLY D 101 -23.56 -5.31 11.63
C GLY D 101 -23.08 -6.13 12.81
N CYS D 102 -23.59 -7.36 12.88
CA CYS D 102 -23.36 -8.32 13.97
C CYS D 102 -23.08 -9.74 13.46
N ASP D 103 -22.28 -10.47 14.23
CA ASP D 103 -22.00 -11.89 14.03
C ASP D 103 -22.65 -12.65 15.15
N LEU D 104 -23.22 -13.80 14.84
CA LEU D 104 -23.83 -14.73 15.80
C LEU D 104 -23.15 -16.08 15.66
N GLY D 105 -23.21 -16.89 16.73
CA GLY D 105 -22.73 -18.26 16.71
C GLY D 105 -23.81 -19.19 16.18
N SER D 106 -23.57 -20.49 16.30
CA SER D 106 -24.49 -21.55 15.87
C SER D 106 -25.80 -21.54 16.68
N ASP D 107 -25.73 -21.08 17.96
CA ASP D 107 -26.86 -20.97 18.90
C ASP D 107 -27.66 -19.67 18.72
N TRP D 108 -27.22 -18.79 17.79
CA TRP D 108 -27.82 -17.48 17.43
C TRP D 108 -27.56 -16.39 18.48
N ARG D 109 -26.53 -16.60 19.29
CA ARG D 109 -26.13 -15.67 20.34
C ARG D 109 -25.07 -14.73 19.75
N LEU D 110 -25.06 -13.46 20.19
CA LEU D 110 -24.10 -12.46 19.73
C LEU D 110 -22.64 -12.82 20.01
N LEU D 111 -21.80 -12.76 18.97
CA LEU D 111 -20.37 -13.02 19.03
C LEU D 111 -19.68 -11.67 19.10
N ARG D 112 -19.97 -10.79 18.11
CA ARG D 112 -19.41 -9.44 18.07
C ARG D 112 -20.19 -8.47 17.20
N GLY D 113 -20.04 -7.19 17.53
CA GLY D 113 -20.65 -6.11 16.79
C GLY D 113 -19.55 -5.49 15.95
N TYR D 114 -19.93 -4.86 14.79
CA TYR D 114 -19.01 -4.18 13.85
C TYR D 114 -19.50 -2.81 13.50
N LEU D 115 -18.60 -1.86 13.47
CA LEU D 115 -18.84 -0.51 12.99
C LEU D 115 -17.50 0.08 12.55
N GLN D 116 -17.36 0.31 11.23
CA GLN D 116 -16.15 0.79 10.53
C GLN D 116 -16.47 1.84 9.46
N PHE D 117 -15.54 2.76 9.22
CA PHE D 117 -15.65 3.82 8.22
C PHE D 117 -14.36 3.98 7.45
N ALA D 118 -14.50 4.28 6.18
CA ALA D 118 -13.39 4.59 5.28
C ALA D 118 -13.66 5.94 4.63
N TYR D 119 -12.61 6.65 4.25
CA TYR D 119 -12.74 7.86 3.47
C TYR D 119 -11.72 7.72 2.39
N GLU D 120 -12.14 7.85 1.12
CA GLU D 120 -11.29 7.69 -0.08
C GLU D 120 -10.73 6.25 -0.21
N GLY D 121 -11.47 5.28 0.34
CA GLY D 121 -11.09 3.85 0.33
C GLY D 121 -9.99 3.43 1.29
N ARG D 122 -9.63 4.32 2.20
CA ARG D 122 -8.60 4.16 3.22
C ARG D 122 -9.37 4.14 4.54
N ASP D 123 -8.89 3.39 5.54
CA ASP D 123 -9.51 3.35 6.87
C ASP D 123 -9.56 4.75 7.47
N TYR D 124 -10.67 5.11 8.12
CA TYR D 124 -10.82 6.43 8.74
C TYR D 124 -11.00 6.30 10.27
N ILE D 125 -12.05 5.61 10.71
CA ILE D 125 -12.39 5.38 12.11
C ILE D 125 -13.19 4.10 12.24
N ALA D 126 -12.91 3.35 13.29
CA ALA D 126 -13.60 2.11 13.57
C ALA D 126 -13.93 2.08 15.05
N LEU D 127 -15.02 1.42 15.41
CA LEU D 127 -15.43 1.19 16.78
C LEU D 127 -14.70 -0.08 17.17
N ASN D 128 -14.11 -0.09 18.37
CA ASN D 128 -13.39 -1.28 18.84
C ASN D 128 -14.35 -2.38 19.25
N GLU D 129 -13.88 -3.62 19.26
CA GLU D 129 -14.66 -4.82 19.61
C GLU D 129 -15.48 -4.64 20.92
N ASP D 130 -14.96 -3.86 21.90
CA ASP D 130 -15.62 -3.57 23.18
C ASP D 130 -16.94 -2.78 23.01
N LEU D 131 -17.09 -2.11 21.84
CA LEU D 131 -18.20 -1.24 21.44
C LEU D 131 -18.30 -0.03 22.41
N LYS D 132 -17.14 0.43 22.93
CA LYS D 132 -17.06 1.56 23.88
C LYS D 132 -16.03 2.62 23.43
N THR D 133 -14.96 2.16 22.74
CA THR D 133 -13.84 3.00 22.32
C THR D 133 -13.60 3.01 20.82
N TRP D 134 -12.99 4.09 20.31
CA TRP D 134 -12.75 4.27 18.88
C TRP D 134 -11.28 4.26 18.50
N THR D 135 -10.97 3.73 17.30
CA THR D 135 -9.63 3.77 16.73
C THR D 135 -9.67 4.64 15.48
N ALA D 136 -9.06 5.83 15.54
CA ALA D 136 -8.91 6.81 14.46
C ALA D 136 -7.68 6.38 13.68
N ALA D 137 -7.68 6.52 12.34
CA ALA D 137 -6.55 6.01 11.57
C ALA D 137 -5.47 7.05 11.24
N ASP D 138 -5.76 8.33 11.43
CA ASP D 138 -4.82 9.39 11.13
C ASP D 138 -5.18 10.58 11.97
N MET D 139 -4.41 11.68 11.81
CA MET D 139 -4.61 12.92 12.55
C MET D 139 -5.98 13.56 12.33
N ALA D 140 -6.50 13.51 11.09
CA ALA D 140 -7.84 14.08 10.79
C ALA D 140 -8.95 13.23 11.42
N ALA D 141 -8.79 11.92 11.44
CA ALA D 141 -9.79 11.05 12.04
C ALA D 141 -9.91 11.21 13.57
N GLN D 142 -8.86 11.77 14.24
CA GLN D 142 -8.84 12.07 15.67
C GLN D 142 -9.82 13.13 16.04
N ILE D 143 -10.00 14.12 15.15
CA ILE D 143 -10.98 15.19 15.25
C ILE D 143 -12.37 14.52 15.45
N THR D 144 -12.72 13.53 14.59
CA THR D 144 -14.00 12.78 14.65
C THR D 144 -14.08 11.97 15.97
N ARG D 145 -13.02 11.23 16.32
CA ARG D 145 -12.94 10.43 17.55
C ARG D 145 -13.29 11.28 18.76
N ARG D 146 -12.62 12.44 18.91
CA ARG D 146 -12.86 13.37 20.03
C ARG D 146 -14.31 13.88 20.07
N LYS D 147 -14.84 14.28 18.89
CA LYS D 147 -16.20 14.76 18.68
C LYS D 147 -17.23 13.69 19.08
N TRP D 148 -16.94 12.41 18.75
CA TRP D 148 -17.80 11.26 19.02
C TRP D 148 -17.75 10.77 20.46
N GLU D 149 -16.62 10.99 21.15
CA GLU D 149 -16.46 10.64 22.57
C GLU D 149 -17.32 11.60 23.40
N GLN D 150 -17.21 12.88 23.06
CA GLN D 150 -17.92 14.03 23.63
C GLN D 150 -19.44 13.91 23.43
N SER D 151 -19.91 13.22 22.37
CA SER D 151 -21.35 13.10 22.12
C SER D 151 -21.95 11.79 22.58
N GLY D 152 -21.12 10.92 23.16
CA GLY D 152 -21.51 9.60 23.65
C GLY D 152 -22.02 8.71 22.53
N ALA D 153 -21.38 8.81 21.34
CA ALA D 153 -21.78 8.13 20.09
C ALA D 153 -21.74 6.62 20.14
N ALA D 154 -20.66 6.04 20.70
CA ALA D 154 -20.44 4.60 20.89
C ALA D 154 -21.57 3.88 21.61
N GLU D 155 -22.27 4.56 22.54
CA GLU D 155 -23.39 4.00 23.31
C GLU D 155 -24.60 3.74 22.44
N HIS D 156 -24.82 4.62 21.43
CA HIS D 156 -25.93 4.53 20.49
C HIS D 156 -25.73 3.30 19.60
N TYR D 157 -24.49 3.11 19.10
CA TYR D 157 -24.09 2.03 18.21
C TYR D 157 -24.10 0.71 18.90
N LYS D 158 -23.60 0.66 20.15
CA LYS D 158 -23.56 -0.54 21.00
C LYS D 158 -24.97 -1.11 21.16
N ALA D 159 -25.95 -0.25 21.49
CA ALA D 159 -27.36 -0.61 21.69
C ALA D 159 -27.98 -1.29 20.45
N TYR D 160 -27.73 -0.75 19.25
CA TYR D 160 -28.23 -1.31 17.99
C TYR D 160 -27.54 -2.64 17.70
N LEU D 161 -26.19 -2.65 17.70
CA LEU D 161 -25.37 -3.83 17.42
C LEU D 161 -25.74 -5.07 18.28
N GLU D 162 -26.10 -4.86 19.56
CA GLU D 162 -26.45 -5.93 20.52
C GLU D 162 -27.94 -6.16 20.67
N GLY D 163 -28.77 -5.22 20.22
CA GLY D 163 -30.20 -5.35 20.39
C GLY D 163 -30.89 -5.62 19.08
N GLU D 164 -31.29 -4.55 18.41
CA GLU D 164 -31.94 -4.57 17.10
C GLU D 164 -31.22 -5.41 16.03
N CYS D 165 -29.88 -5.28 15.88
CA CYS D 165 -29.11 -6.04 14.89
C CYS D 165 -29.34 -7.54 15.07
N VAL D 166 -29.24 -8.00 16.32
CA VAL D 166 -29.38 -9.40 16.75
C VAL D 166 -30.83 -9.87 16.56
N GLU D 167 -31.80 -9.11 17.09
CA GLU D 167 -33.23 -9.41 17.01
C GLU D 167 -33.73 -9.50 15.57
N TRP D 168 -33.25 -8.61 14.69
CA TRP D 168 -33.65 -8.61 13.30
C TRP D 168 -33.02 -9.74 12.51
N LEU D 169 -31.76 -10.07 12.79
CA LEU D 169 -31.10 -11.20 12.13
C LEU D 169 -31.79 -12.53 12.48
N HIS D 170 -32.25 -12.68 13.73
CA HIS D 170 -33.00 -13.86 14.19
C HIS D 170 -34.24 -14.05 13.31
N ARG D 171 -35.04 -12.99 13.11
CA ARG D 171 -36.23 -13.01 12.25
C ARG D 171 -35.90 -13.42 10.80
N TYR D 172 -34.83 -12.84 10.22
CA TYR D 172 -34.38 -13.11 8.85
C TYR D 172 -33.93 -14.54 8.66
N LEU D 173 -33.17 -15.09 9.64
CA LEU D 173 -32.69 -16.48 9.58
C LEU D 173 -33.87 -17.45 9.63
N LYS D 174 -34.97 -17.04 10.29
CA LYS D 174 -36.17 -17.84 10.43
C LYS D 174 -37.00 -17.80 9.13
N ASN D 175 -37.20 -16.59 8.59
CA ASN D 175 -37.99 -16.35 7.39
C ASN D 175 -37.28 -16.81 6.11
N GLY D 176 -35.96 -16.79 6.14
CA GLY D 176 -35.14 -17.22 5.03
C GLY D 176 -34.61 -18.63 5.16
N ASN D 177 -35.04 -19.37 6.20
CA ASN D 177 -34.58 -20.73 6.51
C ASN D 177 -34.25 -21.62 5.28
N ALA D 178 -35.27 -21.94 4.42
CA ALA D 178 -35.08 -22.76 3.22
C ALA D 178 -33.99 -22.22 2.28
N THR D 179 -34.12 -20.94 1.89
CA THR D 179 -33.20 -20.22 0.99
C THR D 179 -31.78 -20.12 1.56
N LEU D 180 -31.66 -19.92 2.89
CA LEU D 180 -30.36 -19.78 3.54
C LEU D 180 -29.64 -21.10 3.80
N LEU D 181 -30.39 -22.16 4.14
CA LEU D 181 -29.79 -23.47 4.40
C LEU D 181 -29.35 -24.26 3.15
N ARG D 182 -30.02 -24.00 2.00
CA ARG D 182 -29.75 -24.68 0.73
C ARG D 182 -28.35 -24.49 0.17
N THR D 183 -27.91 -25.50 -0.57
CA THR D 183 -26.57 -25.59 -1.14
C THR D 183 -26.62 -26.12 -2.58
N ASP D 184 -25.56 -25.81 -3.31
CA ASP D 184 -25.35 -26.23 -4.68
C ASP D 184 -23.98 -26.82 -4.64
N SER D 185 -23.90 -28.12 -4.90
CA SER D 185 -22.61 -28.81 -4.80
C SER D 185 -21.71 -28.50 -5.98
N PRO D 186 -20.38 -28.36 -5.77
CA PRO D 186 -19.48 -28.15 -6.91
C PRO D 186 -19.36 -29.39 -7.80
N LYS D 187 -19.22 -29.17 -9.12
CA LYS D 187 -18.97 -30.19 -10.14
C LYS D 187 -17.52 -29.96 -10.56
N ALA D 188 -16.62 -30.91 -10.19
CA ALA D 188 -15.19 -30.78 -10.48
C ALA D 188 -14.71 -31.60 -11.68
N HIS D 189 -13.52 -31.25 -12.22
CA HIS D 189 -12.80 -31.87 -13.34
C HIS D 189 -11.40 -31.28 -13.45
N VAL D 190 -10.43 -32.05 -13.96
CA VAL D 190 -9.07 -31.53 -14.16
C VAL D 190 -8.75 -31.38 -15.70
N THR D 191 -7.93 -30.36 -16.07
CA THR D 191 -7.50 -30.06 -17.45
C THR D 191 -5.96 -30.00 -17.52
N HIS D 192 -5.39 -30.50 -18.65
CA HIS D 192 -3.94 -30.64 -18.93
C HIS D 192 -3.48 -29.57 -19.91
N HIS D 193 -2.35 -28.90 -19.59
CA HIS D 193 -1.78 -27.85 -20.44
C HIS D 193 -0.23 -27.93 -20.62
N PRO D 194 0.26 -28.64 -21.68
CA PRO D 194 1.73 -28.76 -21.87
C PRO D 194 2.51 -27.45 -22.03
N ARG D 195 3.49 -27.23 -21.12
CA ARG D 195 4.33 -26.04 -21.05
C ARG D 195 5.84 -26.35 -21.20
N SER D 196 6.70 -25.30 -21.24
CA SER D 196 8.16 -25.36 -21.37
C SER D 196 8.59 -26.38 -22.44
N LYS D 197 9.73 -27.07 -22.24
CA LYS D 197 10.18 -28.12 -23.13
C LYS D 197 9.81 -29.48 -22.53
N GLY D 198 9.66 -29.54 -21.20
CA GLY D 198 9.34 -30.77 -20.49
C GLY D 198 8.34 -30.78 -19.34
N GLU D 199 7.69 -29.63 -19.03
CA GLU D 199 6.70 -29.60 -17.93
C GLU D 199 5.22 -29.40 -18.33
N VAL D 200 4.28 -29.70 -17.40
CA VAL D 200 2.84 -29.58 -17.63
C VAL D 200 2.02 -28.96 -16.48
N THR D 201 0.97 -28.18 -16.82
CA THR D 201 0.08 -27.53 -15.86
C THR D 201 -1.19 -28.36 -15.70
N LEU D 202 -1.48 -28.71 -14.45
CA LEU D 202 -2.68 -29.45 -14.09
C LEU D 202 -3.61 -28.43 -13.46
N ARG D 203 -4.88 -28.38 -13.90
CA ARG D 203 -5.83 -27.39 -13.39
C ARG D 203 -7.09 -28.07 -12.94
N CYS D 204 -7.37 -28.08 -11.65
CA CYS D 204 -8.67 -28.63 -11.34
C CYS D 204 -9.64 -27.53 -11.04
N TRP D 205 -10.79 -27.68 -11.65
CA TRP D 205 -11.91 -26.75 -11.71
C TRP D 205 -12.97 -27.21 -10.77
N ALA D 206 -13.66 -26.26 -10.13
CA ALA D 206 -14.83 -26.47 -9.27
C ALA D 206 -15.83 -25.44 -9.80
N LEU D 207 -17.02 -25.90 -10.19
CA LEU D 207 -18.02 -25.02 -10.82
C LEU D 207 -19.44 -25.33 -10.36
N GLY D 208 -20.31 -24.32 -10.34
CA GLY D 208 -21.72 -24.46 -9.98
C GLY D 208 -22.05 -24.54 -8.49
N PHE D 209 -21.16 -24.03 -7.60
CA PHE D 209 -21.39 -24.08 -6.16
C PHE D 209 -21.90 -22.83 -5.43
N TYR D 210 -22.76 -23.06 -4.41
CA TYR D 210 -23.32 -22.07 -3.50
C TYR D 210 -23.46 -22.75 -2.10
N PRO D 211 -22.97 -22.21 -0.95
CA PRO D 211 -22.27 -20.92 -0.71
C PRO D 211 -20.92 -20.80 -1.44
N ALA D 212 -20.33 -19.61 -1.45
CA ALA D 212 -19.10 -19.32 -2.16
C ALA D 212 -17.84 -19.94 -1.55
N ASP D 213 -17.91 -20.30 -0.27
N ASP D 213 -17.86 -20.23 -0.23
CA ASP D 213 -16.80 -20.89 0.49
CA ASP D 213 -16.69 -20.82 0.41
C ASP D 213 -16.49 -22.30 -0.02
C ASP D 213 -16.45 -22.25 -0.04
N ILE D 214 -15.21 -22.53 -0.37
CA ILE D 214 -14.72 -23.78 -0.93
C ILE D 214 -13.25 -23.89 -0.59
N THR D 215 -12.73 -25.13 -0.65
CA THR D 215 -11.31 -25.45 -0.47
C THR D 215 -10.90 -26.41 -1.58
N LEU D 216 -9.86 -26.03 -2.31
CA LEU D 216 -9.27 -26.82 -3.38
C LEU D 216 -7.79 -27.03 -3.05
N THR D 217 -7.34 -28.27 -3.22
CA THR D 217 -5.96 -28.69 -2.95
C THR D 217 -5.46 -29.75 -3.95
N TRP D 218 -4.12 -29.81 -4.13
CA TRP D 218 -3.38 -30.77 -4.95
C TRP D 218 -2.39 -31.54 -4.04
N GLN D 219 -2.62 -32.86 -3.86
CA GLN D 219 -1.83 -33.74 -2.99
C GLN D 219 -0.78 -34.61 -3.71
N LEU D 220 0.52 -34.44 -3.35
CA LEU D 220 1.64 -35.23 -3.86
C LEU D 220 1.70 -36.53 -3.06
N ASN D 221 0.98 -37.56 -3.55
CA ASN D 221 0.80 -38.89 -2.96
C ASN D 221 -0.20 -38.88 -1.78
N GLY D 222 0.08 -38.07 -0.76
CA GLY D 222 -0.77 -37.94 0.42
C GLY D 222 -0.96 -36.52 0.93
N GLU D 223 0.15 -35.75 1.02
CA GLU D 223 0.14 -34.36 1.51
C GLU D 223 0.11 -33.31 0.38
N GLU D 224 -0.49 -32.12 0.67
CA GLU D 224 -0.63 -30.97 -0.23
C GLU D 224 0.73 -30.31 -0.65
N LEU D 225 0.68 -29.31 -1.57
CA LEU D 225 1.88 -28.60 -2.01
C LEU D 225 1.84 -27.09 -1.70
N THR D 226 2.94 -26.58 -1.11
CA THR D 226 3.12 -25.17 -0.76
C THR D 226 3.27 -24.31 -2.04
N GLN D 227 4.47 -24.32 -2.67
CA GLN D 227 4.79 -23.59 -3.91
C GLN D 227 4.15 -24.32 -5.11
N ASP D 228 4.26 -23.74 -6.34
CA ASP D 228 3.71 -24.29 -7.60
C ASP D 228 2.17 -24.29 -7.72
N MET D 229 1.43 -24.12 -6.59
CA MET D 229 -0.04 -24.13 -6.63
C MET D 229 -0.70 -22.76 -6.81
N GLU D 230 -1.14 -22.48 -8.06
CA GLU D 230 -1.85 -21.27 -8.47
C GLU D 230 -3.34 -21.42 -8.20
N LEU D 231 -3.92 -20.39 -7.54
CA LEU D 231 -5.31 -20.37 -7.08
C LEU D 231 -5.99 -19.07 -7.46
N VAL D 232 -6.97 -19.13 -8.41
CA VAL D 232 -7.75 -17.95 -8.82
C VAL D 232 -8.72 -17.55 -7.72
N GLU D 233 -9.10 -16.25 -7.68
CA GLU D 233 -10.07 -15.75 -6.73
C GLU D 233 -11.47 -16.26 -7.12
N THR D 234 -12.28 -16.63 -6.13
CA THR D 234 -13.64 -17.16 -6.33
C THR D 234 -14.43 -16.13 -7.10
N ARG D 235 -15.07 -16.58 -8.18
CA ARG D 235 -15.78 -15.68 -9.06
C ARG D 235 -17.22 -16.06 -9.24
N PRO D 236 -18.15 -15.10 -9.43
CA PRO D 236 -19.55 -15.47 -9.60
C PRO D 236 -19.83 -15.94 -11.03
N ALA D 237 -20.60 -17.06 -11.16
CA ALA D 237 -21.00 -17.59 -12.46
C ALA D 237 -22.12 -16.71 -13.05
N GLY D 238 -22.86 -15.99 -12.19
CA GLY D 238 -23.93 -15.09 -12.56
C GLY D 238 -25.35 -15.60 -12.38
N ASP D 239 -25.48 -16.90 -12.06
CA ASP D 239 -26.79 -17.55 -11.89
C ASP D 239 -27.17 -17.67 -10.43
N GLY D 240 -26.18 -17.54 -9.57
CA GLY D 240 -26.32 -17.64 -8.13
C GLY D 240 -25.20 -18.49 -7.59
N THR D 241 -24.48 -19.13 -8.52
CA THR D 241 -23.39 -20.01 -8.17
C THR D 241 -22.05 -19.36 -8.36
N PHE D 242 -20.99 -20.08 -7.95
CA PHE D 242 -19.61 -19.64 -7.96
C PHE D 242 -18.68 -20.62 -8.65
N GLN D 243 -17.47 -20.13 -9.00
CA GLN D 243 -16.44 -20.91 -9.69
C GLN D 243 -15.11 -20.63 -9.06
N LYS D 244 -14.19 -21.59 -9.16
CA LYS D 244 -12.81 -21.49 -8.68
C LYS D 244 -11.99 -22.63 -9.30
N TRP D 245 -10.69 -22.40 -9.51
CA TRP D 245 -9.73 -23.37 -10.00
C TRP D 245 -8.39 -23.22 -9.32
N ALA D 246 -7.68 -24.35 -9.19
CA ALA D 246 -6.33 -24.42 -8.60
C ALA D 246 -5.47 -25.18 -9.59
N SER D 247 -4.26 -24.68 -9.85
CA SER D 247 -3.36 -25.27 -10.84
C SER D 247 -1.94 -25.54 -10.32
N VAL D 248 -1.36 -26.68 -10.73
CA VAL D 248 -0.01 -27.09 -10.32
C VAL D 248 0.90 -27.41 -11.51
N VAL D 249 2.13 -26.86 -11.51
CA VAL D 249 3.13 -27.10 -12.56
C VAL D 249 3.97 -28.35 -12.20
N VAL D 250 3.73 -29.45 -12.92
CA VAL D 250 4.35 -30.77 -12.69
C VAL D 250 5.27 -31.21 -13.87
N PRO D 251 6.23 -32.19 -13.71
CA PRO D 251 7.01 -32.65 -14.87
C PRO D 251 6.15 -33.59 -15.74
N LEU D 252 6.29 -33.49 -17.07
CA LEU D 252 5.50 -34.30 -18.01
C LEU D 252 5.76 -35.80 -17.86
N GLY D 253 4.70 -36.54 -17.53
CA GLY D 253 4.75 -37.98 -17.31
C GLY D 253 4.28 -38.41 -15.93
N LYS D 254 4.66 -37.64 -14.89
CA LYS D 254 4.32 -37.88 -13.47
C LYS D 254 2.97 -37.21 -13.10
N GLU D 255 1.92 -37.47 -13.90
CA GLU D 255 0.58 -36.87 -13.75
C GLU D 255 -0.36 -37.64 -12.78
N GLN D 256 0.00 -38.87 -12.37
CA GLN D 256 -0.86 -39.66 -11.50
C GLN D 256 -0.49 -39.69 -10.01
N ASN D 257 0.68 -39.08 -9.68
CA ASN D 257 1.17 -38.92 -8.30
C ASN D 257 0.34 -37.83 -7.61
N TYR D 258 -0.14 -36.86 -8.42
CA TYR D 258 -0.94 -35.69 -8.05
C TYR D 258 -2.45 -35.99 -8.14
N THR D 259 -3.22 -35.55 -7.10
CA THR D 259 -4.68 -35.66 -7.03
C THR D 259 -5.29 -34.33 -6.54
N CYS D 260 -6.49 -34.01 -7.04
CA CYS D 260 -7.17 -32.78 -6.65
C CYS D 260 -8.34 -33.11 -5.69
N ARG D 261 -8.40 -32.38 -4.55
CA ARG D 261 -9.47 -32.54 -3.56
C ARG D 261 -10.29 -31.25 -3.36
N VAL D 262 -11.63 -31.40 -3.43
CA VAL D 262 -12.63 -30.33 -3.31
C VAL D 262 -13.44 -30.50 -2.01
N TYR D 263 -13.43 -29.47 -1.15
CA TYR D 263 -14.16 -29.45 0.12
C TYR D 263 -15.24 -28.40 0.09
N HIS D 264 -16.50 -28.81 0.24
CA HIS D 264 -17.63 -27.91 0.22
C HIS D 264 -18.74 -28.48 1.06
N GLU D 265 -19.44 -27.63 1.82
CA GLU D 265 -20.54 -28.00 2.71
C GLU D 265 -21.74 -28.64 2.00
N GLY D 266 -21.86 -28.43 0.69
CA GLY D 266 -22.96 -28.95 -0.11
C GLY D 266 -22.69 -30.33 -0.66
N LEU D 267 -21.43 -30.76 -0.51
CA LEU D 267 -20.92 -32.05 -0.96
C LEU D 267 -21.32 -33.17 0.04
N PRO D 268 -21.92 -34.28 -0.44
CA PRO D 268 -22.25 -35.39 0.47
C PRO D 268 -20.99 -36.14 0.96
N GLU D 269 -19.82 -35.78 0.40
CA GLU D 269 -18.49 -36.34 0.70
C GLU D 269 -17.43 -35.57 -0.13
N PRO D 270 -16.26 -35.16 0.44
CA PRO D 270 -15.22 -34.48 -0.37
C PRO D 270 -14.82 -35.26 -1.62
N LEU D 271 -14.74 -34.55 -2.77
CA LEU D 271 -14.39 -35.13 -4.08
C LEU D 271 -12.88 -35.31 -4.20
N THR D 272 -12.46 -36.30 -5.01
CA THR D 272 -11.05 -36.59 -5.33
C THR D 272 -10.95 -36.99 -6.82
N LEU D 273 -10.01 -36.36 -7.57
CA LEU D 273 -9.82 -36.61 -9.01
C LEU D 273 -8.44 -36.24 -9.57
N ARG D 274 -8.15 -36.73 -10.81
CA ARG D 274 -6.98 -36.52 -11.69
C ARG D 274 -7.35 -36.89 -13.18
N TRP D 275 -6.35 -37.03 -14.12
CA TRP D 275 -6.52 -37.33 -15.57
C TRP D 275 -6.96 -36.08 -16.36
N GLU D 276 -6.25 -35.71 -17.46
CA GLU D 276 -5.05 -36.36 -17.97
C GLU D 276 -3.81 -35.92 -17.19
N ILE E 1 -5.89 6.09 -2.53
CA ILE E 1 -7.01 6.66 -3.29
C ILE E 1 -7.31 5.84 -4.55
N GLN E 2 -6.28 5.63 -5.40
CA GLN E 2 -6.35 4.91 -6.69
C GLN E 2 -5.93 3.43 -6.59
N LYS E 3 -6.91 2.50 -6.61
CA LYS E 3 -6.67 1.05 -6.57
C LYS E 3 -6.90 0.45 -7.97
N THR E 4 -5.91 -0.35 -8.48
CA THR E 4 -5.89 -0.97 -9.83
C THR E 4 -6.85 -2.14 -10.03
N PRO E 5 -7.78 -2.02 -11.00
CA PRO E 5 -8.76 -3.09 -11.24
C PRO E 5 -8.15 -4.41 -11.67
N GLN E 6 -8.64 -5.51 -11.06
CA GLN E 6 -8.29 -6.89 -11.37
C GLN E 6 -9.45 -7.42 -12.21
N ILE E 7 -9.11 -8.06 -13.34
CA ILE E 7 -10.09 -8.55 -14.31
C ILE E 7 -9.98 -10.06 -14.47
N GLN E 8 -11.16 -10.70 -14.65
CA GLN E 8 -11.33 -12.11 -14.96
C GLN E 8 -12.38 -12.18 -16.03
N VAL E 9 -12.02 -12.79 -17.17
CA VAL E 9 -12.89 -13.04 -18.31
C VAL E 9 -13.02 -14.56 -18.38
N TYR E 10 -14.27 -15.03 -18.22
CA TYR E 10 -14.59 -16.46 -18.13
C TYR E 10 -16.05 -16.68 -18.51
N SER E 11 -16.41 -17.93 -18.84
CA SER E 11 -17.78 -18.29 -19.23
C SER E 11 -18.57 -18.89 -18.07
N ARG E 12 -19.92 -18.70 -18.08
CA ARG E 12 -20.84 -19.22 -17.08
C ARG E 12 -20.81 -20.77 -17.01
N HIS E 13 -20.85 -21.43 -18.18
CA HIS E 13 -20.87 -22.89 -18.37
C HIS E 13 -19.64 -23.32 -19.12
N PRO E 14 -19.20 -24.61 -19.04
CA PRO E 14 -17.99 -25.01 -19.79
C PRO E 14 -18.16 -24.80 -21.30
N PRO E 15 -17.13 -24.23 -21.98
CA PRO E 15 -17.31 -23.90 -23.40
C PRO E 15 -17.25 -25.05 -24.39
N GLU E 16 -18.35 -25.21 -25.14
CA GLU E 16 -18.52 -26.20 -26.19
C GLU E 16 -18.87 -25.40 -27.44
N ASN E 17 -17.97 -25.41 -28.44
CA ASN E 17 -18.14 -24.68 -29.69
C ASN E 17 -19.51 -24.92 -30.31
N GLY E 18 -20.19 -23.83 -30.63
CA GLY E 18 -21.52 -23.85 -31.22
C GLY E 18 -22.64 -23.77 -30.21
N LYS E 19 -22.36 -24.09 -28.92
CA LYS E 19 -23.36 -24.08 -27.85
C LYS E 19 -23.53 -22.69 -27.18
N PRO E 20 -24.75 -22.09 -27.20
CA PRO E 20 -24.94 -20.79 -26.51
C PRO E 20 -24.57 -20.87 -25.04
N ASN E 21 -23.86 -19.83 -24.58
CA ASN E 21 -23.35 -19.69 -23.22
C ASN E 21 -23.51 -18.22 -22.76
N ILE E 22 -22.80 -17.86 -21.66
CA ILE E 22 -22.70 -16.51 -21.10
C ILE E 22 -21.26 -16.18 -20.76
N LEU E 23 -20.78 -15.02 -21.26
CA LEU E 23 -19.44 -14.53 -20.99
C LEU E 23 -19.49 -13.48 -19.90
N ASN E 24 -18.71 -13.72 -18.85
CA ASN E 24 -18.55 -12.86 -17.69
C ASN E 24 -17.22 -12.10 -17.67
N CYS E 25 -17.31 -10.84 -17.26
CA CYS E 25 -16.18 -9.98 -17.00
C CYS E 25 -16.33 -9.51 -15.55
N TYR E 26 -15.52 -10.08 -14.66
CA TYR E 26 -15.57 -9.79 -13.23
C TYR E 26 -14.43 -8.84 -12.87
N VAL E 27 -14.82 -7.58 -12.56
CA VAL E 27 -13.87 -6.52 -12.24
C VAL E 27 -13.94 -6.23 -10.75
N THR E 28 -12.79 -6.36 -10.08
CA THR E 28 -12.62 -6.21 -8.63
C THR E 28 -11.43 -5.35 -8.26
N GLN E 29 -11.29 -5.08 -6.95
CA GLN E 29 -10.16 -4.36 -6.35
C GLN E 29 -9.98 -2.93 -6.84
N PHE E 30 -11.07 -2.20 -7.12
CA PHE E 30 -10.92 -0.84 -7.64
C PHE E 30 -11.52 0.27 -6.77
N HIS E 31 -10.86 1.42 -6.83
CA HIS E 31 -11.25 2.64 -6.13
C HIS E 31 -10.68 3.85 -6.84
N PRO E 32 -11.45 4.92 -7.15
CA PRO E 32 -12.86 5.19 -6.83
C PRO E 32 -13.87 4.30 -7.58
N PRO E 33 -15.16 4.32 -7.18
CA PRO E 33 -16.15 3.45 -7.84
C PRO E 33 -16.47 3.71 -9.32
N HIS E 34 -16.09 4.86 -9.85
CA HIS E 34 -16.36 5.14 -11.25
C HIS E 34 -15.42 4.33 -12.14
N ILE E 35 -16.02 3.50 -13.03
CA ILE E 35 -15.33 2.60 -13.95
C ILE E 35 -16.11 2.52 -15.26
N GLU E 36 -15.39 2.17 -16.34
CA GLU E 36 -15.93 1.94 -17.67
C GLU E 36 -15.49 0.55 -18.13
N ILE E 37 -16.47 -0.33 -18.39
CA ILE E 37 -16.25 -1.70 -18.84
C ILE E 37 -16.96 -1.90 -20.16
N GLN E 38 -16.23 -2.48 -21.13
CA GLN E 38 -16.73 -2.88 -22.43
C GLN E 38 -16.39 -4.34 -22.68
N MET E 39 -17.23 -4.99 -23.45
CA MET E 39 -16.99 -6.37 -23.86
C MET E 39 -16.90 -6.42 -25.36
N LEU E 40 -15.94 -7.18 -25.86
CA LEU E 40 -15.72 -7.21 -27.30
C LEU E 40 -15.83 -8.58 -27.93
N LYS E 41 -16.28 -8.59 -29.20
CA LYS E 41 -16.30 -9.78 -30.04
C LYS E 41 -15.47 -9.41 -31.27
N ASN E 42 -14.26 -9.98 -31.37
CA ASN E 42 -13.27 -9.71 -32.43
C ASN E 42 -12.88 -8.21 -32.57
N GLY E 43 -12.55 -7.60 -31.43
CA GLY E 43 -12.15 -6.21 -31.34
C GLY E 43 -13.29 -5.21 -31.49
N LYS E 44 -14.55 -5.69 -31.50
CA LYS E 44 -15.71 -4.82 -31.65
C LYS E 44 -16.65 -4.90 -30.46
N LYS E 45 -17.03 -3.74 -29.91
CA LYS E 45 -17.90 -3.59 -28.74
C LYS E 45 -19.24 -4.29 -28.92
N ILE E 46 -19.59 -5.15 -27.93
CA ILE E 46 -20.86 -5.89 -27.86
C ILE E 46 -21.86 -4.90 -27.20
N PRO E 47 -22.87 -4.42 -27.94
CA PRO E 47 -23.78 -3.41 -27.39
C PRO E 47 -24.62 -3.84 -26.19
N LYS E 48 -25.00 -5.16 -26.16
CA LYS E 48 -25.88 -5.86 -25.20
C LYS E 48 -25.16 -6.35 -23.89
N VAL E 49 -24.61 -5.42 -23.08
CA VAL E 49 -23.89 -5.85 -21.90
C VAL E 49 -24.66 -5.56 -20.62
N GLU E 50 -24.96 -6.65 -19.90
CA GLU E 50 -25.64 -6.60 -18.62
C GLU E 50 -24.59 -6.32 -17.53
N MET E 51 -24.93 -5.41 -16.57
CA MET E 51 -24.02 -5.00 -15.49
C MET E 51 -24.67 -5.18 -14.13
N SER E 52 -23.98 -5.85 -13.20
CA SER E 52 -24.46 -6.01 -11.84
C SER E 52 -24.47 -4.64 -11.16
N ASP E 53 -25.22 -4.49 -10.06
CA ASP E 53 -25.23 -3.24 -9.30
C ASP E 53 -23.93 -3.14 -8.52
N MET E 54 -23.45 -1.91 -8.25
CA MET E 54 -22.18 -1.82 -7.53
C MET E 54 -22.23 -2.16 -6.06
N SER E 55 -21.21 -2.88 -5.65
CA SER E 55 -20.98 -3.40 -4.33
C SER E 55 -19.53 -3.18 -3.98
N PHE E 56 -19.19 -3.33 -2.71
CA PHE E 56 -17.81 -3.20 -2.27
C PHE E 56 -17.48 -4.34 -1.30
N SER E 57 -16.18 -4.69 -1.22
CA SER E 57 -15.67 -5.76 -0.37
C SER E 57 -15.34 -5.28 1.02
N LYS E 58 -14.96 -6.21 1.90
CA LYS E 58 -14.56 -5.94 3.27
C LYS E 58 -13.36 -4.96 3.34
N ASP E 59 -12.49 -4.96 2.32
CA ASP E 59 -11.29 -4.11 2.23
C ASP E 59 -11.58 -2.74 1.62
N TRP E 60 -12.90 -2.45 1.46
CA TRP E 60 -13.50 -1.20 0.92
C TRP E 60 -13.51 -1.06 -0.62
N SER E 61 -12.82 -1.94 -1.34
CA SER E 61 -12.74 -1.87 -2.79
C SER E 61 -14.03 -2.29 -3.51
N PHE E 62 -14.23 -1.77 -4.72
CA PHE E 62 -15.44 -2.00 -5.49
C PHE E 62 -15.34 -3.18 -6.42
N TYR E 63 -16.51 -3.77 -6.73
CA TYR E 63 -16.59 -4.87 -7.68
C TYR E 63 -17.86 -4.80 -8.46
N ILE E 64 -17.79 -5.32 -9.69
CA ILE E 64 -18.89 -5.32 -10.65
C ILE E 64 -18.73 -6.52 -11.57
N LEU E 65 -19.86 -7.15 -11.93
CA LEU E 65 -19.87 -8.28 -12.87
C LEU E 65 -20.62 -7.85 -14.08
N ALA E 66 -19.89 -7.84 -15.21
CA ALA E 66 -20.44 -7.53 -16.52
C ALA E 66 -20.61 -8.87 -17.25
N HIS E 67 -21.77 -9.08 -17.86
CA HIS E 67 -22.02 -10.31 -18.60
C HIS E 67 -22.74 -10.14 -19.94
N THR E 68 -22.52 -11.11 -20.86
CA THR E 68 -23.13 -11.13 -22.19
C THR E 68 -23.41 -12.54 -22.72
N GLU E 69 -24.42 -12.66 -23.57
CA GLU E 69 -24.80 -13.89 -24.27
C GLU E 69 -23.77 -14.09 -25.37
N PHE E 70 -23.15 -15.26 -25.44
CA PHE E 70 -22.14 -15.57 -26.45
C PHE E 70 -22.15 -17.05 -26.87
N THR E 71 -21.71 -17.33 -28.11
CA THR E 71 -21.61 -18.67 -28.65
C THR E 71 -20.15 -18.88 -28.99
N PRO E 72 -19.38 -19.66 -28.18
CA PRO E 72 -17.95 -19.87 -28.50
C PRO E 72 -17.75 -20.59 -29.83
N THR E 73 -16.69 -20.19 -30.56
CA THR E 73 -16.30 -20.81 -31.84
C THR E 73 -14.78 -20.98 -31.83
N GLU E 74 -14.26 -21.58 -32.93
CA GLU E 74 -12.86 -21.88 -33.21
C GLU E 74 -12.06 -20.63 -33.50
N THR E 75 -12.69 -19.67 -34.18
CA THR E 75 -12.07 -18.42 -34.68
C THR E 75 -12.40 -17.17 -33.84
N ASP E 76 -13.68 -17.02 -33.46
CA ASP E 76 -14.17 -15.88 -32.68
C ASP E 76 -13.43 -15.70 -31.37
N THR E 77 -12.87 -14.47 -31.19
CA THR E 77 -12.15 -14.00 -29.99
C THR E 77 -13.07 -13.08 -29.19
N TYR E 78 -12.89 -13.13 -27.85
CA TYR E 78 -13.66 -12.29 -26.91
C TYR E 78 -12.73 -11.68 -25.90
N ALA E 79 -13.06 -10.46 -25.47
CA ALA E 79 -12.24 -9.70 -24.53
C ALA E 79 -13.09 -8.74 -23.68
N CYS E 80 -12.45 -8.18 -22.67
CA CYS E 80 -13.04 -7.18 -21.80
C CYS E 80 -12.05 -6.04 -21.63
N ARG E 81 -12.48 -4.83 -21.98
CA ARG E 81 -11.69 -3.61 -21.92
C ARG E 81 -12.23 -2.78 -20.77
N VAL E 82 -11.34 -2.42 -19.84
CA VAL E 82 -11.67 -1.66 -18.64
C VAL E 82 -10.92 -0.32 -18.58
N LYS E 83 -11.65 0.79 -18.34
CA LYS E 83 -11.11 2.14 -18.21
C LYS E 83 -11.30 2.67 -16.80
N HIS E 84 -10.19 2.95 -16.12
CA HIS E 84 -10.23 3.43 -14.74
C HIS E 84 -9.17 4.46 -14.51
N ALA E 85 -9.53 5.46 -13.73
CA ALA E 85 -8.79 6.65 -13.28
C ALA E 85 -7.34 6.31 -12.80
N SER E 86 -7.17 5.08 -12.25
CA SER E 86 -5.94 4.50 -11.70
C SER E 86 -5.00 3.96 -12.78
N MET E 87 -5.50 3.86 -14.04
CA MET E 87 -4.74 3.33 -15.17
C MET E 87 -4.55 4.37 -16.25
N ALA E 88 -3.29 4.43 -16.77
CA ALA E 88 -2.87 5.37 -17.84
C ALA E 88 -3.57 5.05 -19.13
N GLU E 89 -3.68 3.75 -19.43
CA GLU E 89 -4.33 3.22 -20.61
C GLU E 89 -5.38 2.16 -20.25
N PRO E 90 -6.39 1.89 -21.13
CA PRO E 90 -7.37 0.84 -20.82
C PRO E 90 -6.72 -0.53 -20.82
N LYS E 91 -7.12 -1.41 -19.89
CA LYS E 91 -6.61 -2.78 -19.79
C LYS E 91 -7.57 -3.70 -20.53
N THR E 92 -7.03 -4.58 -21.39
CA THR E 92 -7.80 -5.56 -22.14
C THR E 92 -7.39 -6.94 -21.74
N VAL E 93 -8.37 -7.75 -21.35
CA VAL E 93 -8.15 -9.14 -20.97
C VAL E 93 -8.95 -9.95 -21.96
N TYR E 94 -8.27 -10.86 -22.64
CA TYR E 94 -8.85 -11.77 -23.61
C TYR E 94 -9.38 -13.03 -22.93
N TRP E 95 -10.49 -13.55 -23.46
CA TRP E 95 -11.09 -14.80 -23.00
C TRP E 95 -10.23 -15.97 -23.46
N ASP E 96 -9.95 -16.89 -22.55
CA ASP E 96 -9.16 -18.11 -22.73
C ASP E 96 -9.96 -19.21 -22.06
N ARG E 97 -10.48 -20.17 -22.83
CA ARG E 97 -11.33 -21.27 -22.33
C ARG E 97 -10.66 -22.14 -21.29
N ASP E 98 -9.30 -22.11 -21.23
CA ASP E 98 -8.44 -22.86 -20.29
C ASP E 98 -8.30 -22.18 -18.91
N MET E 99 -8.75 -20.91 -18.78
CA MET E 99 -8.69 -20.10 -17.56
C MET E 99 -10.09 -19.65 -17.09
N ALA F 1 -32.91 -5.09 9.89
CA ALA F 1 -33.22 -3.67 9.82
C ALA F 1 -31.97 -2.82 10.06
N SER F 2 -31.86 -1.70 9.32
CA SER F 2 -30.70 -0.81 9.39
C SER F 2 -30.73 0.15 10.58
N ASN F 3 -29.64 0.91 10.72
CA ASN F 3 -29.44 1.85 11.81
C ASN F 3 -29.26 3.26 11.32
N GLU F 4 -29.77 4.23 12.11
CA GLU F 4 -29.60 5.67 11.90
C GLU F 4 -28.29 6.05 12.65
N ASN F 5 -27.32 6.67 11.95
CA ASN F 5 -26.08 7.11 12.56
C ASN F 5 -26.34 8.22 13.58
N TRP F 6 -25.39 8.47 14.48
CA TRP F 6 -25.52 9.47 15.56
C TRP F 6 -24.88 10.79 15.10
N GLU F 7 -23.82 11.24 15.78
CA GLU F 7 -23.12 12.50 15.52
C GLU F 7 -22.40 12.41 14.17
N THR F 8 -22.38 13.55 13.45
CA THR F 8 -21.71 13.62 12.16
C THR F 8 -20.18 13.55 12.38
N MET F 9 -19.43 13.25 11.32
CA MET F 9 -17.98 13.15 11.38
C MET F 9 -17.33 14.52 11.58
#